data_7CU5
#
_entry.id   7CU5
#
_cell.length_a   43.108
_cell.length_b   77.622
_cell.length_c   96.051
_cell.angle_alpha   69.381
_cell.angle_beta   78.444
_cell.angle_gamma   88.566
#
_symmetry.space_group_name_H-M   'P 1'
#
loop_
_entity.id
_entity.type
_entity.pdbx_description
1 polymer camrelizumab-scFv
2 polymer 'Programmed cell death protein 1'
3 branched alpha-D-mannopyranose-(1-6)-alpha-D-mannopyranose-(1-4)-2-acetamido-2-deoxy-beta-D-glucopyranose-(1-4)-[alpha-L-fucopyranose-(1-6)]2-acetamido-2-deoxy-beta-D-glucopyranose
4 branched 2-acetamido-2-deoxy-beta-D-glucopyranose-(1-4)-[alpha-L-fucopyranose-(1-6)]2-acetamido-2-deoxy-beta-D-glucopyranose
5 branched alpha-D-mannopyranose-(1-3)-alpha-D-mannopyranose-(1-4)-2-acetamido-2-deoxy-beta-D-glucopyranose-(1-4)-[alpha-L-fucopyranose-(1-6)]2-acetamido-2-deoxy-beta-D-glucopyranose
6 non-polymer 2-acetamido-2-deoxy-beta-D-glucopyranose
#
loop_
_entity_poly.entity_id
_entity_poly.type
_entity_poly.pdbx_seq_one_letter_code
_entity_poly.pdbx_strand_id
1 'polypeptide(L)'
;MEVQLVESGGGLVQPGGSLRLSCAASGFTFSSYMMSWVRQAPGKGLEWVATISGGGANTYYPDSVKGRFTISRDNAKNSL
YLQMNSLRAEDTAVYYCARQLYYFDYWGQGTTVTVSSGGGGSDIQMTQSPSSLSASVGDRVTITCLASQTIGTWLTWYQQ
KPGKAPKLLIYTATSLADGVPSRFSGSGSGTDFTLTISSLQPEDFATYYCQQVYSIPWTFGGGTKVEIKR
;
B,A
2 'polypeptide(L)'
;RPWNPPTFSPALLVVTEGDNATFTCSFSNTSESFVLNWYRMSPSNQTDKLAAFPEDRSQPGQDCRFRVTQLPNGRDFHMS
VVRARRNDSGTYLCGAISLAPKAQIKESLRAELRVTER
;
E,Q
#
# COMPACT_ATOMS: atom_id res chain seq x y z
N MET A 1 -22.25 -10.66 -33.64
CA MET A 1 -21.91 -9.71 -32.60
C MET A 1 -20.59 -10.07 -31.93
N GLU A 2 -19.68 -9.11 -31.86
CA GLU A 2 -18.35 -9.33 -31.31
C GLU A 2 -18.32 -9.04 -29.82
N VAL A 3 -17.39 -9.70 -29.13
CA VAL A 3 -17.17 -9.44 -27.71
C VAL A 3 -16.36 -8.15 -27.57
N GLN A 4 -16.78 -7.29 -26.65
CA GLN A 4 -16.09 -6.04 -26.42
C GLN A 4 -16.03 -5.73 -24.93
N LEU A 5 -14.84 -5.32 -24.48
CA LEU A 5 -14.63 -4.90 -23.10
C LEU A 5 -14.01 -3.51 -23.14
N VAL A 6 -14.62 -2.57 -22.41
CA VAL A 6 -14.23 -1.17 -22.44
C VAL A 6 -14.00 -0.70 -21.01
N GLU A 7 -12.77 -0.27 -20.71
CA GLU A 7 -12.39 0.15 -19.38
C GLU A 7 -12.42 1.66 -19.24
N SER A 8 -12.80 2.13 -18.06
CA SER A 8 -12.78 3.54 -17.73
C SER A 8 -12.45 3.70 -16.25
N GLY A 9 -11.99 4.89 -15.88
CA GLY A 9 -11.74 5.23 -14.49
C GLY A 9 -10.32 5.63 -14.18
N GLY A 10 -9.36 5.43 -15.08
CA GLY A 10 -7.98 5.75 -14.77
C GLY A 10 -7.75 7.25 -14.67
N GLY A 11 -6.79 7.61 -13.83
CA GLY A 11 -6.44 9.01 -13.67
C GLY A 11 -5.23 9.17 -12.80
N LEU A 12 -4.91 10.43 -12.49
CA LEU A 12 -3.79 10.76 -11.63
C LEU A 12 -4.23 10.80 -10.17
N VAL A 13 -3.53 10.06 -9.32
CA VAL A 13 -3.81 10.02 -7.89
C VAL A 13 -2.50 10.20 -7.14
N GLN A 14 -2.60 10.81 -5.96
CA GLN A 14 -1.44 10.93 -5.07
C GLN A 14 -1.31 9.65 -4.24
N PRO A 15 -0.09 9.29 -3.85
CA PRO A 15 0.11 8.08 -3.04
C PRO A 15 -0.76 8.10 -1.79
N GLY A 16 -1.43 6.98 -1.53
CA GLY A 16 -2.42 6.90 -0.48
C GLY A 16 -3.82 7.30 -0.91
N GLY A 17 -3.98 7.89 -2.09
CA GLY A 17 -5.29 8.22 -2.60
C GLY A 17 -6.07 6.99 -3.01
N SER A 18 -7.18 7.23 -3.70
CA SER A 18 -8.08 6.16 -4.09
C SER A 18 -8.60 6.41 -5.49
N LEU A 19 -9.00 5.32 -6.16
CA LEU A 19 -9.47 5.35 -7.53
C LEU A 19 -10.39 4.16 -7.75
N ARG A 20 -11.30 4.30 -8.70
CA ARG A 20 -12.22 3.21 -9.05
C ARG A 20 -12.23 3.02 -10.55
N LEU A 21 -12.21 1.76 -10.97
CA LEU A 21 -12.14 1.38 -12.38
C LEU A 21 -13.42 0.67 -12.79
N SER A 22 -13.88 0.96 -14.00
CA SER A 22 -15.05 0.30 -14.57
C SER A 22 -14.66 -0.44 -15.84
N CYS A 23 -15.47 -1.44 -16.18
CA CYS A 23 -15.26 -2.22 -17.41
C CYS A 23 -16.63 -2.66 -17.91
N ALA A 24 -17.01 -2.18 -19.09
CA ALA A 24 -18.32 -2.44 -19.66
C ALA A 24 -18.24 -3.62 -20.62
N ALA A 25 -19.05 -4.64 -20.37
CA ALA A 25 -19.01 -5.89 -21.12
C ALA A 25 -20.20 -5.99 -22.07
N SER A 26 -19.99 -6.74 -23.15
CA SER A 26 -21.01 -7.02 -24.15
C SER A 26 -20.49 -8.11 -25.08
N GLY A 27 -21.42 -8.86 -25.66
CA GLY A 27 -21.08 -9.92 -26.60
C GLY A 27 -21.09 -11.32 -26.05
N PHE A 28 -21.55 -11.52 -24.82
CA PHE A 28 -21.61 -12.84 -24.20
C PHE A 28 -22.46 -12.73 -22.94
N THR A 29 -22.85 -13.88 -22.41
CA THR A 29 -23.66 -13.92 -21.19
C THR A 29 -22.73 -13.68 -20.00
N PHE A 30 -22.73 -12.43 -19.53
CA PHE A 30 -21.80 -11.96 -18.51
C PHE A 30 -21.92 -12.74 -17.20
N SER A 31 -23.07 -13.36 -16.93
CA SER A 31 -23.33 -13.91 -15.61
C SER A 31 -22.57 -15.20 -15.33
N SER A 32 -22.02 -15.85 -16.35
CA SER A 32 -21.45 -17.19 -16.18
C SER A 32 -19.95 -17.26 -16.44
N TYR A 33 -19.29 -16.12 -16.65
CA TYR A 33 -17.86 -16.09 -16.92
C TYR A 33 -17.12 -15.38 -15.79
N MET A 34 -15.91 -15.85 -15.51
CA MET A 34 -15.06 -15.19 -14.53
C MET A 34 -14.40 -13.96 -15.14
N MET A 35 -14.43 -12.87 -14.38
CA MET A 35 -13.80 -11.62 -14.79
C MET A 35 -12.57 -11.34 -13.93
N SER A 36 -11.64 -10.57 -14.48
CA SER A 36 -10.39 -10.33 -13.78
C SER A 36 -9.72 -9.08 -14.34
N TRP A 37 -8.96 -8.40 -13.48
CA TRP A 37 -8.16 -7.24 -13.87
C TRP A 37 -6.70 -7.64 -13.92
N VAL A 38 -6.04 -7.34 -15.04
CA VAL A 38 -4.60 -7.55 -15.20
C VAL A 38 -3.97 -6.21 -15.53
N ARG A 39 -2.84 -5.91 -14.87
CA ARG A 39 -2.19 -4.62 -15.02
C ARG A 39 -0.78 -4.78 -15.56
N GLN A 40 -0.24 -3.67 -16.05
CA GLN A 40 1.09 -3.64 -16.66
C GLN A 40 1.66 -2.24 -16.48
N ALA A 41 2.62 -2.10 -15.59
CA ALA A 41 3.29 -0.83 -15.37
C ALA A 41 4.14 -0.47 -16.59
N PRO A 42 4.48 0.81 -16.77
CA PRO A 42 5.25 1.22 -17.96
C PRO A 42 6.59 0.49 -18.06
N GLY A 43 6.85 -0.07 -19.24
CA GLY A 43 8.10 -0.74 -19.53
C GLY A 43 8.21 -2.16 -18.99
N LYS A 44 7.32 -2.57 -18.09
CA LYS A 44 7.38 -3.90 -17.48
C LYS A 44 6.34 -4.82 -18.12
N GLY A 45 6.20 -6.03 -17.57
CA GLY A 45 5.31 -7.03 -18.09
C GLY A 45 3.96 -7.06 -17.41
N LEU A 46 3.30 -8.21 -17.49
CA LEU A 46 1.95 -8.38 -16.98
C LEU A 46 1.96 -8.94 -15.57
N GLU A 47 0.93 -8.59 -14.80
CA GLU A 47 0.73 -9.15 -13.48
C GLU A 47 -0.75 -9.10 -13.14
N TRP A 48 -1.23 -10.15 -12.48
CA TRP A 48 -2.65 -10.31 -12.19
C TRP A 48 -3.01 -9.59 -10.89
N VAL A 49 -4.21 -9.01 -10.87
CA VAL A 49 -4.60 -8.07 -9.81
C VAL A 49 -5.80 -8.56 -9.01
N ALA A 50 -6.82 -9.08 -9.68
CA ALA A 50 -8.02 -9.52 -8.97
C ALA A 50 -8.85 -10.39 -9.91
N THR A 51 -9.73 -11.20 -9.32
CA THR A 51 -10.62 -12.08 -10.07
C THR A 51 -11.94 -12.20 -9.34
N ILE A 52 -13.04 -12.12 -10.08
CA ILE A 52 -14.38 -12.32 -9.54
C ILE A 52 -15.01 -13.52 -10.25
N SER A 53 -15.82 -14.27 -9.53
CA SER A 53 -16.53 -15.39 -10.11
C SER A 53 -17.75 -14.90 -10.89
N GLY A 54 -18.27 -15.78 -11.74
CA GLY A 54 -19.39 -15.40 -12.60
C GLY A 54 -20.59 -14.92 -11.80
N GLY A 55 -20.97 -15.68 -10.78
CA GLY A 55 -22.04 -15.27 -9.89
C GLY A 55 -21.61 -14.29 -8.81
N GLY A 56 -20.34 -13.94 -8.76
CA GLY A 56 -19.83 -12.97 -7.80
C GLY A 56 -19.60 -13.51 -6.41
N ALA A 57 -19.79 -14.80 -6.18
CA ALA A 57 -19.67 -15.37 -4.84
C ALA A 57 -18.22 -15.59 -4.41
N ASN A 58 -17.28 -15.63 -5.36
CA ASN A 58 -15.89 -15.94 -5.06
C ASN A 58 -14.98 -14.83 -5.62
N THR A 59 -14.03 -14.39 -4.80
CA THR A 59 -13.04 -13.40 -5.20
C THR A 59 -11.65 -13.94 -4.91
N TYR A 60 -10.67 -13.42 -5.65
CA TYR A 60 -9.28 -13.84 -5.50
C TYR A 60 -8.36 -12.65 -5.74
N TYR A 61 -7.35 -12.51 -4.90
CA TYR A 61 -6.40 -11.41 -4.97
C TYR A 61 -5.00 -11.89 -4.63
N PRO A 62 -3.97 -11.28 -5.21
CA PRO A 62 -2.60 -11.51 -4.73
C PRO A 62 -2.35 -10.76 -3.44
N ASP A 63 -1.25 -11.11 -2.78
CA ASP A 63 -0.94 -10.52 -1.48
C ASP A 63 -0.63 -9.03 -1.58
N SER A 64 -0.15 -8.58 -2.74
CA SER A 64 0.26 -7.19 -2.88
C SER A 64 -0.92 -6.21 -2.81
N VAL A 65 -2.13 -6.66 -3.10
CA VAL A 65 -3.30 -5.78 -3.15
C VAL A 65 -4.39 -6.19 -2.19
N LYS A 66 -4.20 -7.26 -1.41
CA LYS A 66 -5.24 -7.71 -0.49
C LYS A 66 -5.54 -6.65 0.55
N GLY A 67 -6.83 -6.38 0.77
CA GLY A 67 -7.24 -5.33 1.67
C GLY A 67 -7.25 -3.97 1.01
N ARG A 68 -6.39 -3.80 0.01
CA ARG A 68 -6.34 -2.54 -0.73
C ARG A 68 -7.38 -2.50 -1.84
N PHE A 69 -7.46 -3.57 -2.63
CA PHE A 69 -8.30 -3.62 -3.82
C PHE A 69 -9.50 -4.54 -3.59
N THR A 70 -10.62 -4.19 -4.20
CA THR A 70 -11.85 -4.96 -4.09
C THR A 70 -12.52 -5.02 -5.46
N ILE A 71 -12.57 -6.20 -6.05
CA ILE A 71 -13.22 -6.41 -7.34
C ILE A 71 -14.69 -6.69 -7.10
N SER A 72 -15.55 -6.16 -7.99
CA SER A 72 -16.98 -6.34 -7.87
C SER A 72 -17.60 -6.30 -9.26
N ARG A 73 -18.76 -6.94 -9.39
CA ARG A 73 -19.46 -7.00 -10.66
C ARG A 73 -20.94 -6.76 -10.44
N ASP A 74 -21.58 -6.09 -11.40
CA ASP A 74 -23.03 -5.86 -11.40
C ASP A 74 -23.57 -6.57 -12.64
N ASN A 75 -24.04 -7.81 -12.44
CA ASN A 75 -24.51 -8.61 -13.57
C ASN A 75 -25.74 -8.02 -14.24
N ALA A 76 -26.49 -7.18 -13.55
CA ALA A 76 -27.63 -6.51 -14.18
C ALA A 76 -27.17 -5.50 -15.21
N LYS A 77 -26.09 -4.76 -14.92
CA LYS A 77 -25.58 -3.74 -15.81
C LYS A 77 -24.49 -4.27 -16.76
N ASN A 78 -24.08 -5.53 -16.60
CA ASN A 78 -23.02 -6.13 -17.41
C ASN A 78 -21.73 -5.32 -17.31
N SER A 79 -21.30 -5.08 -16.06
CA SER A 79 -20.13 -4.24 -15.81
C SER A 79 -19.28 -4.83 -14.70
N LEU A 80 -18.01 -4.49 -14.73
CA LEU A 80 -17.02 -4.95 -13.76
C LEU A 80 -16.37 -3.74 -13.11
N TYR A 81 -16.08 -3.85 -11.81
CA TYR A 81 -15.55 -2.75 -11.03
C TYR A 81 -14.31 -3.19 -10.26
N LEU A 82 -13.38 -2.26 -10.09
CA LEU A 82 -12.19 -2.46 -9.28
C LEU A 82 -12.00 -1.25 -8.38
N GLN A 83 -12.22 -1.43 -7.08
CA GLN A 83 -12.04 -0.37 -6.10
C GLN A 83 -10.62 -0.41 -5.57
N MET A 84 -9.86 0.67 -5.80
CA MET A 84 -8.45 0.73 -5.44
C MET A 84 -8.27 1.73 -4.29
N ASN A 85 -7.96 1.22 -3.10
CA ASN A 85 -7.75 2.05 -1.93
C ASN A 85 -6.29 2.01 -1.51
N SER A 86 -5.81 3.10 -0.88
CA SER A 86 -4.44 3.21 -0.40
C SER A 86 -3.45 2.90 -1.53
N LEU A 87 -3.47 3.74 -2.54
CA LEU A 87 -2.66 3.46 -3.73
C LEU A 87 -1.18 3.73 -3.46
N ARG A 88 -0.32 2.92 -4.06
CA ARG A 88 1.12 3.11 -3.97
C ARG A 88 1.67 3.44 -5.36
N ALA A 89 2.90 3.98 -5.38
CA ALA A 89 3.52 4.32 -6.66
C ALA A 89 3.75 3.07 -7.51
N GLU A 90 3.91 1.91 -6.88
CA GLU A 90 4.04 0.66 -7.63
C GLU A 90 2.77 0.29 -8.38
N ASP A 91 1.62 0.85 -7.98
CA ASP A 91 0.36 0.55 -8.64
C ASP A 91 0.20 1.28 -9.97
N THR A 92 1.12 2.16 -10.32
CA THR A 92 1.06 2.85 -11.61
C THR A 92 1.19 1.84 -12.74
N ALA A 93 0.17 1.76 -13.59
CA ALA A 93 0.11 0.74 -14.63
C ALA A 93 -1.09 1.02 -15.51
N VAL A 94 -1.16 0.27 -16.61
CA VAL A 94 -2.36 0.19 -17.45
C VAL A 94 -3.14 -1.05 -17.01
N TYR A 95 -4.41 -0.86 -16.66
CA TYR A 95 -5.22 -1.93 -16.08
C TYR A 95 -6.21 -2.44 -17.13
N TYR A 96 -6.07 -3.71 -17.47
CA TYR A 96 -6.97 -4.38 -18.41
C TYR A 96 -7.96 -5.26 -17.66
N CYS A 97 -9.23 -5.22 -18.07
CA CYS A 97 -10.18 -6.24 -17.65
C CYS A 97 -10.20 -7.35 -18.69
N ALA A 98 -10.45 -8.58 -18.21
CA ALA A 98 -10.35 -9.73 -19.10
C ALA A 98 -11.28 -10.84 -18.64
N ARG A 99 -11.80 -11.59 -19.60
CA ARG A 99 -12.58 -12.79 -19.32
C ARG A 99 -11.64 -13.95 -19.00
N GLN A 100 -11.95 -14.68 -17.94
CA GLN A 100 -11.05 -15.70 -17.39
C GLN A 100 -11.78 -17.03 -17.32
N LEU A 101 -11.23 -18.06 -18.00
CA LEU A 101 -11.62 -19.43 -17.71
C LEU A 101 -10.43 -20.25 -17.22
N TYR A 102 -9.49 -20.60 -18.11
CA TYR A 102 -8.17 -21.08 -17.71
C TYR A 102 -7.14 -20.48 -18.63
N TYR A 103 -7.43 -19.26 -19.07
CA TYR A 103 -6.68 -18.38 -19.96
C TYR A 103 -7.51 -17.11 -20.04
N PHE A 104 -6.87 -16.01 -20.42
CA PHE A 104 -7.56 -14.75 -20.63
C PHE A 104 -7.79 -14.59 -22.13
N ASP A 105 -8.98 -15.00 -22.60
CA ASP A 105 -9.23 -15.02 -24.03
C ASP A 105 -9.53 -13.63 -24.57
N TYR A 106 -10.37 -12.87 -23.89
CA TYR A 106 -10.76 -11.54 -24.33
C TYR A 106 -10.21 -10.50 -23.38
N TRP A 107 -9.57 -9.47 -23.94
CA TRP A 107 -8.97 -8.39 -23.18
C TRP A 107 -9.55 -7.06 -23.63
N GLY A 108 -9.80 -6.17 -22.66
CA GLY A 108 -10.03 -4.78 -22.99
C GLY A 108 -8.74 -4.10 -23.38
N GLN A 109 -8.86 -2.86 -23.85
CA GLN A 109 -7.68 -2.11 -24.29
C GLN A 109 -7.08 -1.27 -23.17
N GLY A 110 -7.65 -1.28 -21.98
CA GLY A 110 -6.98 -0.77 -20.80
C GLY A 110 -7.22 0.69 -20.54
N THR A 111 -7.15 1.06 -19.26
CA THR A 111 -7.17 2.43 -18.80
C THR A 111 -5.92 2.69 -17.97
N THR A 112 -5.34 3.88 -18.11
CA THR A 112 -4.06 4.19 -17.49
C THR A 112 -4.27 4.76 -16.10
N VAL A 113 -3.63 4.15 -15.11
CA VAL A 113 -3.64 4.62 -13.72
C VAL A 113 -2.23 5.05 -13.35
N THR A 114 -2.09 6.29 -12.87
CA THR A 114 -0.80 6.84 -12.50
C THR A 114 -0.85 7.32 -11.06
N VAL A 115 0.09 6.83 -10.25
CA VAL A 115 0.21 7.21 -8.85
C VAL A 115 1.58 7.86 -8.68
N SER A 116 1.58 9.16 -8.42
CA SER A 116 2.83 9.91 -8.36
C SER A 116 2.69 11.05 -7.36
N SER A 117 3.84 11.62 -6.99
CA SER A 117 3.91 12.72 -6.04
C SER A 117 4.73 13.85 -6.63
N GLY A 118 4.26 15.08 -6.44
CA GLY A 118 4.98 16.25 -6.89
C GLY A 118 6.05 16.74 -5.95
N GLY A 119 6.22 16.09 -4.79
CA GLY A 119 7.24 16.52 -3.85
C GLY A 119 8.64 16.49 -4.44
N GLY A 120 8.93 15.47 -5.26
CA GLY A 120 10.18 15.39 -5.99
C GLY A 120 11.43 15.55 -5.14
N GLY A 121 12.14 16.66 -5.34
CA GLY A 121 13.36 16.93 -4.60
C GLY A 121 13.36 18.27 -3.89
N SER A 122 12.20 18.70 -3.40
CA SER A 122 12.09 19.92 -2.60
C SER A 122 12.30 19.65 -1.12
N ASP A 123 12.91 18.52 -0.77
CA ASP A 123 13.14 18.18 0.63
C ASP A 123 14.34 18.93 1.18
N ILE A 124 14.26 19.26 2.46
CA ILE A 124 15.38 19.88 3.16
C ILE A 124 16.33 18.79 3.64
N GLN A 125 17.61 18.94 3.31
CA GLN A 125 18.62 17.95 3.66
C GLN A 125 19.57 18.54 4.70
N MET A 126 19.84 17.77 5.75
CA MET A 126 20.69 18.20 6.85
C MET A 126 22.00 17.43 6.83
N THR A 127 23.08 18.15 6.94
CA THR A 127 24.42 17.56 7.02
C THR A 127 25.08 18.02 8.31
N GLN A 128 25.91 17.16 8.90
CA GLN A 128 26.50 17.45 10.20
C GLN A 128 28.02 17.46 10.14
N SER A 129 28.65 18.01 11.19
CA SER A 129 29.98 18.60 11.07
C SER A 129 31.17 17.65 10.88
N PRO A 130 31.64 16.88 11.87
CA PRO A 130 32.85 16.07 11.65
C PRO A 130 32.64 14.59 11.42
N SER A 131 31.40 14.14 11.31
CA SER A 131 31.00 12.75 11.04
C SER A 131 31.32 11.84 12.22
N SER A 132 32.29 12.27 13.04
CA SER A 132 32.78 11.56 14.21
C SER A 132 33.97 12.32 14.80
N LEU A 133 34.25 12.14 16.08
CA LEU A 133 35.41 12.79 16.67
C LEU A 133 35.78 12.06 17.95
N SER A 134 36.99 12.27 18.42
CA SER A 134 37.51 11.61 19.61
C SER A 134 38.26 12.65 20.44
N ALA A 135 37.66 13.08 21.53
CA ALA A 135 38.26 14.01 22.46
C ALA A 135 38.27 13.40 23.85
N SER A 136 39.04 14.01 24.74
CA SER A 136 39.18 13.53 26.12
C SER A 136 38.21 14.27 27.04
N VAL A 137 38.09 13.77 28.26
CA VAL A 137 37.19 14.37 29.23
C VAL A 137 37.66 15.77 29.59
N GLY A 138 36.76 16.74 29.48
CA GLY A 138 37.07 18.12 29.77
C GLY A 138 37.28 18.99 28.55
N ASP A 139 37.45 18.41 27.37
CA ASP A 139 37.67 19.18 26.16
C ASP A 139 36.40 19.90 25.72
N ARG A 140 36.58 21.00 25.00
CA ARG A 140 35.47 21.77 24.47
C ARG A 140 35.24 21.35 23.02
N VAL A 141 34.15 20.62 22.79
CA VAL A 141 33.78 20.15 21.46
C VAL A 141 32.77 21.13 20.87
N THR A 142 32.78 21.26 19.54
CA THR A 142 31.82 22.09 18.84
C THR A 142 31.35 21.35 17.59
N ILE A 143 30.02 21.29 17.42
CA ILE A 143 29.39 20.51 16.36
C ILE A 143 28.47 21.42 15.55
N THR A 144 28.54 21.32 14.24
CA THR A 144 27.80 22.14 13.30
C THR A 144 26.78 21.29 12.54
N CYS A 145 25.65 22.00 12.19
CA CYS A 145 24.62 21.44 11.32
C CYS A 145 24.37 22.43 10.19
N LEU A 146 23.97 21.91 9.03
CA LEU A 146 23.71 22.73 7.86
C LEU A 146 22.43 22.26 7.18
N ALA A 147 21.59 23.22 6.77
CA ALA A 147 20.31 22.94 6.17
C ALA A 147 20.33 23.33 4.69
N SER A 148 19.71 22.49 3.85
CA SER A 148 19.66 22.77 2.42
C SER A 148 18.89 24.06 2.12
N GLN A 149 17.90 24.40 2.94
CA GLN A 149 17.13 25.62 2.78
C GLN A 149 17.11 26.38 4.09
N THR A 150 16.59 27.61 4.03
CA THR A 150 16.46 28.40 5.25
C THR A 150 15.32 27.87 6.10
N ILE A 151 15.60 27.64 7.38
CA ILE A 151 14.61 27.10 8.32
C ILE A 151 14.45 27.99 9.54
N GLY A 152 14.99 29.21 9.50
CA GLY A 152 14.89 30.10 10.65
C GLY A 152 15.61 29.51 11.84
N THR A 153 14.89 29.36 12.95
CA THR A 153 15.41 28.74 14.15
C THR A 153 14.59 27.50 14.53
N TRP A 154 14.15 26.77 13.52
CA TRP A 154 13.34 25.56 13.73
C TRP A 154 14.19 24.31 13.81
N LEU A 155 15.40 24.41 14.37
CA LEU A 155 16.34 23.32 14.41
C LEU A 155 16.36 22.67 15.80
N THR A 156 16.53 21.34 15.82
CA THR A 156 16.52 20.56 17.04
C THR A 156 17.79 19.73 17.13
N TRP A 157 18.25 19.52 18.37
CA TRP A 157 19.43 18.70 18.66
C TRP A 157 19.04 17.55 19.57
N TYR A 158 19.47 16.34 19.21
CA TYR A 158 19.19 15.15 20.00
C TYR A 158 20.49 14.43 20.35
N GLN A 159 20.46 13.73 21.48
CA GLN A 159 21.59 12.96 21.97
C GLN A 159 21.16 11.49 22.08
N GLN A 160 21.90 10.61 21.42
CA GLN A 160 21.60 9.18 21.43
C GLN A 160 22.85 8.43 21.88
N LYS A 161 22.77 7.80 23.05
CA LYS A 161 23.84 6.97 23.58
C LYS A 161 23.59 5.50 23.24
N PRO A 162 24.64 4.68 23.16
CA PRO A 162 24.48 3.34 22.57
C PRO A 162 23.41 2.52 23.28
N GLY A 163 22.56 1.87 22.48
CA GLY A 163 21.49 1.04 23.00
C GLY A 163 20.34 1.78 23.61
N LYS A 164 20.28 3.11 23.47
CA LYS A 164 19.23 3.92 24.06
C LYS A 164 18.57 4.76 22.98
N ALA A 165 17.38 5.25 23.31
CA ALA A 165 16.63 6.11 22.40
C ALA A 165 17.21 7.52 22.41
N PRO A 166 16.93 8.30 21.37
CA PRO A 166 17.41 9.69 21.36
C PRO A 166 16.77 10.50 22.48
N LYS A 167 17.58 11.38 23.08
CA LYS A 167 17.13 12.31 24.11
C LYS A 167 17.16 13.73 23.57
N LEU A 168 16.11 14.49 23.85
CA LEU A 168 16.03 15.87 23.39
C LEU A 168 17.00 16.75 24.17
N LEU A 169 17.86 17.47 23.45
CA LEU A 169 18.85 18.34 24.07
C LEU A 169 18.48 19.82 23.93
N ILE A 170 18.24 20.27 22.70
CA ILE A 170 18.04 21.70 22.41
C ILE A 170 16.92 21.82 21.39
N TYR A 171 15.95 22.68 21.69
CA TYR A 171 14.85 22.97 20.78
C TYR A 171 14.88 24.44 20.41
N THR A 172 14.27 24.76 19.26
CA THR A 172 14.30 26.10 18.65
C THR A 172 15.72 26.65 18.57
N ALA A 173 16.71 25.75 18.51
CA ALA A 173 18.09 26.02 18.14
C ALA A 173 18.88 26.78 19.21
N THR A 174 18.22 27.30 20.24
CA THR A 174 18.95 27.94 21.33
C THR A 174 18.45 27.47 22.69
N SER A 175 17.17 27.15 22.79
CA SER A 175 16.58 26.76 24.07
C SER A 175 17.14 25.43 24.52
N LEU A 176 17.12 25.22 25.84
CA LEU A 176 17.69 24.02 26.46
C LEU A 176 16.57 23.22 27.10
N ALA A 177 16.51 21.92 26.78
CA ALA A 177 15.46 21.06 27.29
C ALA A 177 15.59 20.86 28.79
N ASP A 178 14.48 20.43 29.41
CA ASP A 178 14.47 20.22 30.85
C ASP A 178 15.44 19.10 31.23
N GLY A 179 16.20 19.34 32.29
CA GLY A 179 17.10 18.31 32.80
C GLY A 179 18.38 18.13 32.02
N VAL A 180 18.76 19.11 31.20
CA VAL A 180 19.98 19.05 30.41
C VAL A 180 21.02 19.94 31.09
N PRO A 181 22.26 19.47 31.27
CA PRO A 181 23.27 20.29 31.94
C PRO A 181 23.54 21.59 31.19
N SER A 182 23.98 22.60 31.95
CA SER A 182 24.20 23.94 31.41
C SER A 182 25.40 24.01 30.47
N ARG A 183 26.19 22.94 30.35
CA ARG A 183 27.35 22.96 29.48
C ARG A 183 27.01 22.81 28.01
N PHE A 184 25.79 22.36 27.69
CA PHE A 184 25.36 22.25 26.30
C PHE A 184 24.84 23.60 25.82
N SER A 185 25.26 24.00 24.61
CA SER A 185 24.88 25.29 24.05
C SER A 185 24.57 25.12 22.57
N GLY A 186 23.62 25.92 22.09
CA GLY A 186 23.23 25.87 20.69
C GLY A 186 23.12 27.24 20.07
N SER A 187 23.61 27.39 18.84
CA SER A 187 23.63 28.68 18.16
C SER A 187 23.18 28.50 16.71
N GLY A 188 22.95 29.63 16.04
CA GLY A 188 22.73 29.64 14.62
C GLY A 188 21.27 29.93 14.27
N SER A 189 21.06 30.36 13.02
CA SER A 189 19.73 30.57 12.48
C SER A 189 19.82 30.63 10.96
N GLY A 190 18.75 30.22 10.31
CA GLY A 190 18.67 30.19 8.86
C GLY A 190 19.23 28.95 8.21
N THR A 191 20.54 28.83 8.11
CA THR A 191 21.12 27.65 7.48
C THR A 191 22.22 26.99 8.32
N ASP A 192 23.03 27.77 9.01
CA ASP A 192 24.18 27.26 9.76
C ASP A 192 23.88 27.28 11.24
N PHE A 193 24.09 26.14 11.90
CA PHE A 193 23.79 25.96 13.32
C PHE A 193 24.93 25.21 13.97
N THR A 194 25.13 25.46 15.26
CA THR A 194 26.25 24.88 15.98
C THR A 194 25.82 24.40 17.36
N LEU A 195 26.29 23.19 17.72
CA LEU A 195 26.17 22.67 19.07
C LEU A 195 27.54 22.70 19.72
N THR A 196 27.61 23.25 20.93
CA THR A 196 28.86 23.39 21.66
C THR A 196 28.76 22.70 23.01
N ILE A 197 29.74 21.87 23.33
CA ILE A 197 29.87 21.25 24.64
C ILE A 197 31.02 21.94 25.36
N SER A 198 30.69 22.70 26.41
CA SER A 198 31.69 23.55 27.06
C SER A 198 32.79 22.73 27.71
N SER A 199 32.44 21.57 28.26
CA SER A 199 33.44 20.72 28.92
C SER A 199 32.94 19.28 28.85
N LEU A 200 33.58 18.49 27.98
CA LEU A 200 33.19 17.09 27.80
C LEU A 200 33.23 16.34 29.13
N GLN A 201 32.15 15.63 29.42
CA GLN A 201 32.03 14.80 30.61
C GLN A 201 31.90 13.34 30.21
N PRO A 202 32.18 12.40 31.12
CA PRO A 202 32.07 10.98 30.75
C PRO A 202 30.68 10.59 30.27
N GLU A 203 29.64 11.25 30.77
CA GLU A 203 28.26 10.93 30.39
C GLU A 203 27.85 11.58 29.07
N ASP A 204 28.78 12.17 28.33
CA ASP A 204 28.49 12.75 27.03
C ASP A 204 28.99 11.89 25.88
N PHE A 205 29.32 10.63 26.17
CA PHE A 205 29.67 9.61 25.19
C PHE A 205 28.41 9.25 24.38
N ALA A 206 28.28 9.81 23.18
CA ALA A 206 27.04 9.65 22.41
C ALA A 206 27.27 10.11 20.98
N THR A 207 26.25 9.90 20.16
CA THR A 207 26.09 10.45 18.83
C THR A 207 25.01 11.53 18.87
N TYR A 208 25.25 12.64 18.19
CA TYR A 208 24.37 13.80 18.22
C TYR A 208 23.78 14.04 16.84
N TYR A 209 22.46 14.20 16.78
CA TYR A 209 21.73 14.41 15.54
C TYR A 209 21.08 15.80 15.56
N CYS A 210 21.02 16.45 14.40
CA CYS A 210 20.16 17.62 14.24
C CYS A 210 18.91 17.25 13.45
N GLN A 211 17.94 18.15 13.48
CA GLN A 211 16.64 17.88 12.85
C GLN A 211 15.92 19.20 12.66
N GLN A 212 15.50 19.46 11.43
CA GLN A 212 14.63 20.60 11.15
C GLN A 212 13.18 20.19 11.36
N VAL A 213 12.39 21.10 11.93
CA VAL A 213 10.97 20.89 12.12
C VAL A 213 10.16 21.93 11.36
N TYR A 214 10.79 22.61 10.41
CA TYR A 214 10.11 23.67 9.66
C TYR A 214 9.02 23.09 8.78
N SER A 215 9.36 22.15 7.91
CA SER A 215 8.41 21.59 6.97
C SER A 215 8.65 20.10 6.77
N ILE A 216 7.57 19.38 6.44
CA ILE A 216 7.66 17.95 6.16
C ILE A 216 8.28 17.76 4.79
N PRO A 217 9.06 16.70 4.56
CA PRO A 217 9.41 15.66 5.53
C PRO A 217 10.41 16.14 6.58
N TRP A 218 10.11 15.88 7.85
CA TRP A 218 11.00 16.27 8.94
C TRP A 218 12.26 15.42 8.86
N THR A 219 13.36 16.02 8.43
CA THR A 219 14.59 15.32 8.13
C THR A 219 15.62 15.49 9.23
N PHE A 220 16.45 14.48 9.39
CA PHE A 220 17.53 14.47 10.37
C PHE A 220 18.87 14.59 9.68
N GLY A 221 19.90 14.94 10.47
CA GLY A 221 21.26 14.93 9.98
C GLY A 221 21.90 13.55 10.14
N GLY A 222 23.03 13.38 9.45
CA GLY A 222 23.73 12.10 9.48
C GLY A 222 24.27 11.74 10.85
N GLY A 223 24.43 12.72 11.73
CA GLY A 223 24.92 12.46 13.08
C GLY A 223 26.41 12.69 13.21
N THR A 224 26.84 12.86 14.47
CA THR A 224 28.26 13.05 14.79
C THR A 224 28.56 12.24 16.03
N LYS A 225 29.35 11.18 15.88
CA LYS A 225 29.72 10.33 17.01
C LYS A 225 30.89 10.95 17.76
N VAL A 226 30.76 11.00 19.09
CA VAL A 226 31.78 11.59 19.94
C VAL A 226 32.35 10.49 20.83
N GLU A 227 33.55 10.02 20.49
CA GLU A 227 34.25 9.02 21.28
C GLU A 227 35.12 9.70 22.32
N ILE A 228 34.99 9.26 23.57
CA ILE A 228 35.98 9.63 24.59
C ILE A 228 37.17 8.71 24.34
N LYS A 229 38.21 9.25 23.72
CA LYS A 229 39.31 8.46 23.20
C LYS A 229 40.18 7.93 24.35
N ARG A 230 40.82 6.78 24.10
CA ARG A 230 41.78 6.20 25.04
C ARG A 230 42.79 7.22 25.54
N ARG B 1 -8.88 -28.27 -0.10
CA ARG B 1 -10.24 -28.31 -0.62
C ARG B 1 -10.54 -29.61 -1.36
N PRO B 2 -10.90 -30.66 -0.62
CA PRO B 2 -11.25 -31.94 -1.26
C PRO B 2 -12.68 -31.90 -1.78
N TRP B 3 -12.84 -32.04 -3.09
CA TRP B 3 -14.15 -32.05 -3.71
C TRP B 3 -14.32 -33.28 -4.59
N ASN B 4 -15.56 -33.77 -4.67
CA ASN B 4 -15.89 -35.00 -5.37
C ASN B 4 -16.14 -34.73 -6.86
N PRO B 5 -15.82 -35.69 -7.72
CA PRO B 5 -16.07 -35.51 -9.16
C PRO B 5 -17.55 -35.53 -9.46
N PRO B 6 -17.96 -35.03 -10.62
CA PRO B 6 -19.38 -35.06 -10.97
C PRO B 6 -19.85 -36.47 -11.32
N THR B 7 -21.17 -36.63 -11.35
CA THR B 7 -21.81 -37.88 -11.72
C THR B 7 -22.54 -37.71 -13.05
N PHE B 8 -22.57 -38.77 -13.84
CA PHE B 8 -23.06 -38.73 -15.21
C PHE B 8 -24.14 -39.80 -15.38
N SER B 9 -25.40 -39.38 -15.35
CA SER B 9 -26.56 -40.25 -15.48
C SER B 9 -27.30 -39.97 -16.78
N PRO B 10 -27.95 -40.99 -17.38
CA PRO B 10 -27.98 -42.38 -16.92
C PRO B 10 -26.75 -43.18 -17.38
N ALA B 11 -26.49 -44.31 -16.71
CA ALA B 11 -25.35 -45.14 -17.08
C ALA B 11 -25.53 -45.80 -18.44
N LEU B 12 -26.75 -45.93 -18.93
CA LEU B 12 -27.00 -46.56 -20.22
C LEU B 12 -28.22 -45.90 -20.87
N LEU B 13 -28.01 -45.32 -22.04
CA LEU B 13 -29.08 -44.70 -22.82
C LEU B 13 -29.33 -45.52 -24.06
N VAL B 14 -30.68 -45.95 -24.39
CA VAL B 14 -30.97 -46.78 -25.56
C VAL B 14 -31.98 -46.06 -26.46
N VAL B 15 -31.50 -45.17 -27.30
CA VAL B 15 -32.36 -44.23 -28.00
C VAL B 15 -32.56 -44.68 -29.44
N THR B 16 -33.82 -44.47 -29.97
CA THR B 16 -34.04 -44.72 -31.39
C THR B 16 -33.47 -43.58 -32.21
N GLU B 17 -32.86 -43.90 -33.34
CA GLU B 17 -32.24 -42.89 -34.19
C GLU B 17 -33.26 -41.84 -34.61
N GLY B 18 -32.80 -40.60 -34.74
CA GLY B 18 -33.66 -39.48 -35.03
C GLY B 18 -34.23 -38.77 -33.82
N ASP B 19 -34.14 -39.37 -32.63
CA ASP B 19 -34.64 -38.77 -31.41
C ASP B 19 -33.54 -37.92 -30.76
N ASN B 20 -33.85 -37.38 -29.59
CA ASN B 20 -32.92 -36.56 -28.83
C ASN B 20 -32.48 -37.35 -27.60
N ALA B 21 -31.21 -37.73 -27.55
CA ALA B 21 -30.63 -38.45 -26.42
C ALA B 21 -30.10 -37.43 -25.42
N THR B 22 -30.60 -37.50 -24.18
CA THR B 22 -30.31 -36.49 -23.17
C THR B 22 -29.67 -37.16 -21.95
N PHE B 23 -28.39 -36.85 -21.72
CA PHE B 23 -27.72 -37.22 -20.49
C PHE B 23 -27.89 -36.12 -19.44
N THR B 24 -27.56 -36.45 -18.20
CA THR B 24 -27.65 -35.49 -17.09
C THR B 24 -26.39 -35.60 -16.25
N CYS B 25 -25.53 -34.59 -16.31
CA CYS B 25 -24.33 -34.52 -15.49
C CYS B 25 -24.63 -33.63 -14.29
N SER B 26 -24.44 -34.17 -13.09
CA SER B 26 -24.72 -33.47 -11.84
C SER B 26 -23.42 -33.17 -11.11
N PHE B 27 -23.27 -31.94 -10.64
CA PHE B 27 -22.02 -31.49 -10.03
C PHE B 27 -22.35 -30.67 -8.78
N SER B 28 -21.95 -31.19 -7.62
CA SER B 28 -22.07 -30.46 -6.35
C SER B 28 -20.83 -29.60 -6.21
N ASN B 29 -20.95 -28.37 -6.52
CA ASN B 29 -19.76 -27.54 -6.71
C ASN B 29 -19.42 -26.74 -5.46
N THR B 30 -18.10 -26.91 -5.15
CA THR B 30 -17.64 -26.21 -3.97
C THR B 30 -17.60 -24.71 -4.19
N SER B 31 -17.33 -24.30 -5.43
CA SER B 31 -17.17 -22.89 -5.76
C SER B 31 -18.01 -22.56 -6.98
N GLU B 32 -17.96 -21.29 -7.37
CA GLU B 32 -18.44 -20.87 -8.68
C GLU B 32 -17.36 -20.86 -9.74
N SER B 33 -16.12 -21.24 -9.38
CA SER B 33 -14.98 -21.09 -10.28
C SER B 33 -14.74 -22.44 -10.97
N PHE B 34 -15.52 -22.70 -12.02
CA PHE B 34 -15.41 -23.97 -12.73
C PHE B 34 -16.15 -23.86 -14.05
N VAL B 35 -15.74 -24.69 -15.00
CA VAL B 35 -16.47 -24.94 -16.23
C VAL B 35 -16.77 -26.43 -16.29
N LEU B 36 -17.61 -26.81 -17.26
CA LEU B 36 -17.98 -28.20 -17.48
C LEU B 36 -17.62 -28.61 -18.89
N ASN B 37 -17.13 -29.84 -19.05
CA ASN B 37 -16.79 -30.39 -20.35
C ASN B 37 -17.55 -31.69 -20.57
N TRP B 38 -17.94 -31.93 -21.81
CA TRP B 38 -18.65 -33.14 -22.20
C TRP B 38 -17.76 -33.91 -23.17
N TYR B 39 -17.22 -35.04 -22.70
CA TYR B 39 -16.30 -35.85 -23.48
C TYR B 39 -17.00 -37.07 -24.05
N ARG B 40 -16.53 -37.51 -25.22
CA ARG B 40 -16.90 -38.79 -25.79
C ARG B 40 -15.61 -39.56 -26.08
N MET B 41 -15.58 -40.83 -25.69
CA MET B 41 -14.38 -41.63 -25.89
C MET B 41 -14.22 -41.99 -27.36
N SER B 42 -13.01 -41.85 -27.87
CA SER B 42 -12.70 -42.23 -29.24
C SER B 42 -12.44 -43.73 -29.30
N PRO B 43 -12.31 -44.29 -30.51
CA PRO B 43 -11.76 -45.65 -30.63
C PRO B 43 -10.36 -45.76 -30.05
N SER B 44 -9.63 -44.66 -29.93
CA SER B 44 -8.31 -44.65 -29.29
C SER B 44 -8.40 -44.59 -27.77
N ASN B 45 -9.60 -44.51 -27.20
CA ASN B 45 -9.81 -44.59 -25.76
C ASN B 45 -9.15 -43.42 -25.03
N GLN B 46 -9.38 -42.20 -25.52
CA GLN B 46 -9.13 -41.01 -24.73
C GLN B 46 -10.08 -39.91 -25.17
N THR B 47 -10.33 -38.98 -24.26
CA THR B 47 -11.48 -38.09 -24.35
C THR B 47 -11.39 -37.18 -25.56
N ASP B 48 -12.44 -37.21 -26.39
CA ASP B 48 -12.67 -36.22 -27.42
C ASP B 48 -13.74 -35.25 -26.90
N LYS B 49 -13.39 -33.97 -26.83
CA LYS B 49 -14.32 -32.97 -26.32
C LYS B 49 -15.40 -32.66 -27.36
N LEU B 50 -16.65 -32.73 -26.94
CA LEU B 50 -17.79 -32.43 -27.80
C LEU B 50 -18.29 -31.00 -27.61
N ALA B 51 -18.61 -30.63 -26.37
CA ALA B 51 -19.08 -29.29 -26.06
C ALA B 51 -18.74 -28.98 -24.62
N ALA B 52 -18.80 -27.69 -24.28
CA ALA B 52 -18.46 -27.23 -22.94
C ALA B 52 -19.44 -26.16 -22.50
N PHE B 53 -19.71 -26.13 -21.19
CA PHE B 53 -20.46 -25.05 -20.61
C PHE B 53 -19.54 -24.17 -19.76
N PRO B 54 -19.51 -22.86 -19.99
CA PRO B 54 -20.36 -22.20 -21.01
C PRO B 54 -19.66 -22.05 -22.36
N GLU B 55 -20.43 -21.71 -23.38
CA GLU B 55 -19.89 -21.35 -24.69
C GLU B 55 -20.93 -20.59 -25.51
N ASP B 63 -19.78 -27.86 -31.03
CA ASP B 63 -20.41 -28.35 -32.25
C ASP B 63 -21.77 -27.67 -32.49
N CYS B 64 -22.69 -28.39 -33.12
CA CYS B 64 -24.03 -27.89 -33.36
C CYS B 64 -25.06 -28.89 -32.86
N ARG B 65 -24.71 -30.17 -32.88
CA ARG B 65 -25.58 -31.25 -32.43
C ARG B 65 -25.31 -31.65 -30.99
N PHE B 66 -24.43 -30.93 -30.28
CA PHE B 66 -24.10 -31.22 -28.89
C PHE B 66 -24.28 -29.93 -28.09
N ARG B 67 -25.41 -29.84 -27.39
CA ARG B 67 -25.77 -28.65 -26.63
C ARG B 67 -25.83 -28.98 -25.15
N VAL B 68 -25.21 -28.13 -24.34
CA VAL B 68 -25.24 -28.24 -22.88
C VAL B 68 -26.09 -27.12 -22.33
N THR B 69 -26.97 -27.44 -21.38
CA THR B 69 -27.81 -26.46 -20.72
C THR B 69 -27.70 -26.62 -19.22
N GLN B 70 -27.86 -25.50 -18.51
CA GLN B 70 -27.74 -25.44 -17.06
C GLN B 70 -29.14 -25.51 -16.46
N LEU B 71 -29.49 -26.68 -15.93
CA LEU B 71 -30.76 -26.81 -15.21
C LEU B 71 -30.74 -25.88 -14.01
N PRO B 72 -31.80 -25.11 -13.78
CA PRO B 72 -31.72 -23.96 -12.86
C PRO B 72 -31.63 -24.32 -11.38
N ASN B 73 -31.46 -25.61 -11.06
CA ASN B 73 -31.34 -26.02 -9.67
C ASN B 73 -29.93 -25.87 -9.12
N GLY B 74 -28.99 -25.32 -9.90
CA GLY B 74 -27.63 -25.15 -9.45
C GLY B 74 -26.87 -26.42 -9.20
N ARG B 75 -27.37 -27.56 -9.66
CA ARG B 75 -26.67 -28.83 -9.50
C ARG B 75 -26.56 -29.62 -10.81
N ASP B 76 -27.56 -29.56 -11.66
CA ASP B 76 -27.66 -30.46 -12.81
C ASP B 76 -27.47 -29.73 -14.13
N PHE B 77 -27.02 -30.48 -15.12
CA PHE B 77 -26.82 -29.98 -16.48
C PHE B 77 -27.37 -31.01 -17.46
N HIS B 78 -28.03 -30.53 -18.50
CA HIS B 78 -28.53 -31.38 -19.57
C HIS B 78 -27.57 -31.31 -20.76
N MET B 79 -27.06 -32.48 -21.16
CA MET B 79 -26.13 -32.59 -22.28
C MET B 79 -26.74 -33.53 -23.30
N SER B 80 -27.20 -32.97 -24.42
CA SER B 80 -28.09 -33.67 -25.32
C SER B 80 -27.45 -33.89 -26.70
N VAL B 81 -27.82 -34.99 -27.32
CA VAL B 81 -27.49 -35.28 -28.71
C VAL B 81 -28.75 -35.07 -29.52
N VAL B 82 -28.79 -34.02 -30.33
CA VAL B 82 -29.98 -33.71 -31.13
C VAL B 82 -29.93 -34.52 -32.41
N ARG B 83 -31.08 -35.10 -32.77
CA ARG B 83 -31.22 -35.98 -33.93
C ARG B 83 -30.08 -37.00 -33.97
N ALA B 84 -30.05 -37.85 -32.94
CA ALA B 84 -28.93 -38.74 -32.74
C ALA B 84 -28.82 -39.76 -33.86
N ARG B 85 -27.61 -39.90 -34.40
CA ARG B 85 -27.34 -40.85 -35.46
C ARG B 85 -26.97 -42.22 -34.89
N ARG B 86 -26.85 -43.21 -35.78
CA ARG B 86 -26.58 -44.57 -35.34
C ARG B 86 -25.17 -44.70 -34.79
N ASN B 87 -24.18 -44.15 -35.49
CA ASN B 87 -22.80 -44.27 -35.04
C ASN B 87 -22.47 -43.36 -33.86
N ASP B 88 -23.46 -42.63 -33.33
CA ASP B 88 -23.27 -41.86 -32.12
C ASP B 88 -23.18 -42.74 -30.88
N SER B 89 -23.42 -44.05 -31.02
CA SER B 89 -23.30 -44.96 -29.89
C SER B 89 -21.84 -45.10 -29.47
N GLY B 90 -21.61 -45.10 -28.16
CA GLY B 90 -20.26 -45.21 -27.65
C GLY B 90 -20.21 -45.02 -26.16
N THR B 91 -19.10 -44.47 -25.68
CA THR B 91 -18.90 -44.21 -24.26
C THR B 91 -18.83 -42.70 -24.04
N TYR B 92 -19.63 -42.20 -23.10
CA TYR B 92 -19.74 -40.78 -22.83
C TYR B 92 -19.49 -40.51 -21.36
N LEU B 93 -19.09 -39.27 -21.06
CA LEU B 93 -18.82 -38.85 -19.70
C LEU B 93 -18.68 -37.33 -19.69
N CYS B 94 -18.78 -36.76 -18.49
CA CYS B 94 -18.59 -35.34 -18.27
C CYS B 94 -17.41 -35.10 -17.33
N GLY B 95 -16.86 -33.90 -17.39
CA GLY B 95 -15.73 -33.55 -16.55
C GLY B 95 -15.78 -32.13 -16.06
N ALA B 96 -15.51 -31.93 -14.77
CA ALA B 96 -15.52 -30.61 -14.15
C ALA B 96 -14.10 -30.06 -14.10
N ILE B 97 -13.95 -28.89 -14.66
CA ILE B 97 -12.66 -28.22 -14.67
C ILE B 97 -12.76 -27.03 -13.71
N SER B 98 -12.13 -27.15 -12.55
CA SER B 98 -12.14 -26.07 -11.57
C SER B 98 -11.06 -25.05 -11.91
N LEU B 99 -11.39 -23.77 -11.77
CA LEU B 99 -10.46 -22.68 -11.97
C LEU B 99 -10.11 -21.96 -10.68
N ALA B 100 -10.92 -22.13 -9.63
CA ALA B 100 -10.64 -21.74 -8.25
C ALA B 100 -9.27 -22.30 -7.89
N PRO B 101 -8.58 -21.78 -6.82
CA PRO B 101 -7.16 -22.10 -6.63
C PRO B 101 -6.84 -23.55 -6.95
N LYS B 102 -5.74 -23.79 -7.67
CA LYS B 102 -5.43 -25.11 -8.22
C LYS B 102 -6.42 -25.59 -9.28
N ALA B 103 -6.34 -25.02 -10.48
CA ALA B 103 -6.93 -25.63 -11.66
C ALA B 103 -6.72 -27.14 -11.66
N GLN B 104 -7.79 -27.88 -11.96
CA GLN B 104 -7.81 -29.32 -11.81
C GLN B 104 -9.04 -29.88 -12.52
N ILE B 105 -8.92 -31.08 -13.15
CA ILE B 105 -9.99 -31.72 -13.90
C ILE B 105 -10.30 -33.06 -13.25
N LYS B 106 -11.59 -33.29 -12.96
CA LYS B 106 -12.07 -34.53 -12.37
C LYS B 106 -13.17 -35.08 -13.27
N GLU B 107 -12.89 -36.21 -13.92
CA GLU B 107 -13.85 -36.81 -14.85
C GLU B 107 -14.95 -37.54 -14.08
N SER B 108 -16.01 -37.88 -14.82
CA SER B 108 -17.14 -38.60 -14.25
C SER B 108 -16.90 -40.10 -14.37
N LEU B 109 -17.93 -40.88 -14.03
CA LEU B 109 -17.98 -42.28 -14.41
C LEU B 109 -18.53 -42.40 -15.82
N ARG B 110 -17.89 -43.22 -16.64
CA ARG B 110 -18.28 -43.33 -18.03
C ARG B 110 -19.64 -43.99 -18.17
N ALA B 111 -20.43 -43.51 -19.13
CA ALA B 111 -21.76 -44.03 -19.40
C ALA B 111 -21.86 -44.44 -20.86
N GLU B 112 -22.72 -45.42 -21.13
CA GLU B 112 -22.87 -46.00 -22.45
C GLU B 112 -24.09 -45.44 -23.15
N LEU B 113 -23.95 -45.21 -24.46
CA LEU B 113 -25.06 -44.79 -25.31
C LEU B 113 -25.27 -45.82 -26.40
N ARG B 114 -26.51 -46.25 -26.59
CA ARG B 114 -26.90 -47.15 -27.66
C ARG B 114 -28.00 -46.49 -28.48
N VAL B 115 -27.83 -46.45 -29.79
CA VAL B 115 -28.82 -45.89 -30.70
C VAL B 115 -29.43 -47.05 -31.50
N THR B 116 -30.74 -47.22 -31.39
CA THR B 116 -31.45 -48.28 -32.08
C THR B 116 -31.99 -47.76 -33.41
N GLU B 117 -31.94 -48.61 -34.44
CA GLU B 117 -32.37 -48.19 -35.76
C GLU B 117 -33.88 -48.29 -35.90
N ARG B 118 -34.46 -47.33 -36.61
CA ARG B 118 -35.91 -47.19 -36.75
C ARG B 118 -36.56 -48.48 -37.24
N MET C 1 0.26 9.86 36.79
CA MET C 1 1.37 8.92 36.72
C MET C 1 2.67 9.63 36.32
N GLU C 2 3.60 8.86 35.75
CA GLU C 2 4.82 9.38 35.18
C GLU C 2 4.83 9.09 33.69
N VAL C 3 5.44 9.99 32.91
CA VAL C 3 5.38 9.91 31.46
C VAL C 3 6.02 8.61 30.99
N GLN C 4 5.35 7.94 30.04
CA GLN C 4 5.70 6.58 29.67
C GLN C 4 5.28 6.31 28.23
N LEU C 5 6.18 5.69 27.46
CA LEU C 5 5.88 5.26 26.09
C LEU C 5 6.52 3.90 25.88
N VAL C 6 5.69 2.90 25.58
CA VAL C 6 6.14 1.51 25.46
C VAL C 6 5.69 0.97 24.11
N GLU C 7 6.64 0.47 23.32
CA GLU C 7 6.38 -0.04 21.99
C GLU C 7 6.27 -1.56 22.00
N SER C 8 5.42 -2.08 21.12
CA SER C 8 5.21 -3.52 20.99
C SER C 8 4.85 -3.84 19.55
N GLY C 9 5.22 -5.04 19.11
CA GLY C 9 4.79 -5.52 17.80
C GLY C 9 5.91 -5.97 16.89
N GLY C 10 7.14 -5.58 17.21
CA GLY C 10 8.28 -5.91 16.37
C GLY C 10 8.50 -7.41 16.25
N GLY C 11 9.36 -7.76 15.32
CA GLY C 11 9.65 -9.14 15.05
C GLY C 11 10.21 -9.28 13.65
N LEU C 12 10.54 -10.51 13.30
CA LEU C 12 11.09 -10.76 11.99
C LEU C 12 9.97 -11.05 11.00
N VAL C 13 10.15 -10.58 9.77
CA VAL C 13 9.17 -10.72 8.70
C VAL C 13 9.90 -10.94 7.39
N GLN C 14 9.19 -11.56 6.44
CA GLN C 14 9.74 -11.68 5.09
C GLN C 14 9.25 -10.53 4.22
N PRO C 15 10.00 -10.17 3.17
CA PRO C 15 9.57 -9.09 2.28
C PRO C 15 8.16 -9.33 1.76
N GLY C 16 7.36 -8.26 1.76
CA GLY C 16 5.96 -8.36 1.42
C GLY C 16 5.05 -8.73 2.58
N GLY C 17 5.60 -9.00 3.75
CA GLY C 17 4.79 -9.36 4.90
C GLY C 17 4.06 -8.16 5.46
N SER C 18 3.38 -8.40 6.58
CA SER C 18 2.61 -7.38 7.28
C SER C 18 2.96 -7.38 8.75
N LEU C 19 3.03 -6.19 9.34
CA LEU C 19 3.36 -6.04 10.75
C LEU C 19 2.64 -4.83 11.30
N ARG C 20 2.24 -4.92 12.57
CA ARG C 20 1.49 -3.86 13.24
C ARG C 20 2.15 -3.55 14.57
N LEU C 21 2.53 -2.29 14.76
CA LEU C 21 3.24 -1.86 15.95
C LEU C 21 2.30 -1.11 16.88
N SER C 22 2.46 -1.34 18.18
CA SER C 22 1.64 -0.70 19.20
C SER C 22 2.53 0.11 20.13
N CYS C 23 2.11 1.34 20.43
CA CYS C 23 2.79 2.20 21.38
C CYS C 23 1.77 2.69 22.38
N ALA C 24 1.98 2.35 23.66
CA ALA C 24 1.04 2.66 24.73
C ALA C 24 1.62 3.77 25.60
N ALA C 25 0.79 4.75 25.94
CA ALA C 25 1.23 5.97 26.60
C ALA C 25 0.53 6.14 27.95
N SER C 26 1.19 6.89 28.82
CA SER C 26 0.63 7.27 30.12
C SER C 26 1.45 8.42 30.66
N GLY C 27 0.85 9.16 31.59
CA GLY C 27 1.51 10.26 32.25
C GLY C 27 1.30 11.64 31.67
N PHE C 28 0.41 11.78 30.69
CA PHE C 28 0.11 13.07 30.10
C PHE C 28 -1.23 12.99 29.38
N THR C 29 -1.78 14.15 29.05
CA THR C 29 -3.05 14.21 28.33
C THR C 29 -2.82 13.76 26.89
N PHE C 30 -3.07 12.48 26.63
CA PHE C 30 -2.69 11.87 25.36
C PHE C 30 -3.45 12.50 24.20
N SER C 31 -4.73 12.80 24.39
CA SER C 31 -5.57 13.30 23.31
C SER C 31 -5.24 14.72 22.85
N SER C 32 -4.16 15.32 23.37
CA SER C 32 -3.82 16.70 23.03
C SER C 32 -2.48 16.83 22.30
N TYR C 33 -1.65 15.79 22.31
CA TYR C 33 -0.30 15.87 21.77
C TYR C 33 -0.22 15.13 20.44
N MET C 34 0.62 15.65 19.54
CA MET C 34 0.93 14.95 18.31
C MET C 34 1.79 13.73 18.61
N MET C 35 1.51 12.63 17.93
CA MET C 35 2.27 11.41 18.11
C MET C 35 2.99 11.05 16.83
N SER C 36 4.14 10.40 16.97
CA SER C 36 5.05 10.21 15.85
C SER C 36 5.63 8.81 15.90
N TRP C 37 6.10 8.35 14.74
CA TRP C 37 6.90 7.14 14.64
C TRP C 37 8.18 7.49 13.91
N VAL C 38 9.30 7.37 14.61
CA VAL C 38 10.63 7.62 14.06
C VAL C 38 11.41 6.31 14.10
N ARG C 39 12.06 5.98 12.98
CA ARG C 39 12.80 4.73 12.87
C ARG C 39 14.28 5.01 12.61
N GLN C 40 15.11 4.02 12.93
CA GLN C 40 16.54 4.09 12.69
C GLN C 40 17.01 2.76 12.15
N ALA C 41 17.55 2.77 10.94
CA ALA C 41 18.11 1.56 10.35
C ALA C 41 19.23 1.02 11.24
N PRO C 42 19.47 -0.29 11.22
CA PRO C 42 20.41 -0.89 12.19
C PRO C 42 21.79 -0.24 12.21
N GLY C 43 22.24 0.37 11.12
CA GLY C 43 23.53 1.03 11.12
C GLY C 43 23.45 2.51 10.77
N LYS C 44 22.33 2.94 10.22
CA LYS C 44 22.17 4.28 9.71
C LYS C 44 21.62 5.22 10.79
N GLY C 45 21.19 6.41 10.39
CA GLY C 45 20.68 7.41 11.30
C GLY C 45 19.17 7.37 11.43
N LEU C 46 18.60 8.50 11.85
CA LEU C 46 17.19 8.60 12.15
C LEU C 46 16.42 9.18 10.96
N GLU C 47 15.20 8.67 10.76
CA GLU C 47 14.31 9.23 9.75
C GLU C 47 12.87 9.11 10.25
N TRP C 48 12.10 10.19 10.09
CA TRP C 48 10.72 10.23 10.54
C TRP C 48 9.83 9.50 9.55
N VAL C 49 8.83 8.79 10.06
CA VAL C 49 8.07 7.85 9.23
C VAL C 49 6.56 8.11 9.28
N ALA C 50 6.06 8.69 10.37
CA ALA C 50 4.63 8.97 10.45
C ALA C 50 4.35 9.91 11.61
N THR C 51 3.25 10.65 11.49
CA THR C 51 2.80 11.58 12.53
C THR C 51 1.29 11.68 12.47
N ILE C 52 0.66 11.72 13.64
CA ILE C 52 -0.79 11.87 13.76
C ILE C 52 -1.09 12.93 14.82
N SER C 53 -2.03 13.82 14.51
CA SER C 53 -2.38 14.89 15.43
C SER C 53 -3.12 14.33 16.64
N GLY C 54 -3.30 15.20 17.65
CA GLY C 54 -3.86 14.74 18.91
C GLY C 54 -5.22 14.09 18.76
N GLY C 55 -6.12 14.74 18.02
CA GLY C 55 -7.44 14.19 17.78
C GLY C 55 -7.52 13.14 16.69
N GLY C 56 -6.41 12.85 16.03
CA GLY C 56 -6.38 11.84 14.99
C GLY C 56 -6.96 12.28 13.65
N ALA C 57 -7.30 13.56 13.50
CA ALA C 57 -7.88 14.05 12.26
C ALA C 57 -6.85 14.39 11.20
N ASN C 58 -5.57 14.44 11.55
CA ASN C 58 -4.51 14.81 10.61
C ASN C 58 -3.41 13.76 10.65
N THR C 59 -3.03 13.27 9.47
CA THR C 59 -1.92 12.35 9.32
C THR C 59 -0.88 12.93 8.38
N TYR C 60 0.37 12.51 8.56
CA TYR C 60 1.47 12.97 7.72
C TYR C 60 2.46 11.82 7.56
N TYR C 61 2.84 11.56 6.31
CA TYR C 61 3.80 10.51 6.00
C TYR C 61 4.85 11.04 5.04
N PRO C 62 6.07 10.54 5.12
CA PRO C 62 7.02 10.75 4.03
C PRO C 62 6.65 9.91 2.82
N ASP C 63 7.18 10.29 1.66
CA ASP C 63 6.76 9.67 0.41
C ASP C 63 7.13 8.19 0.35
N SER C 64 8.19 7.79 1.06
CA SER C 64 8.66 6.41 0.97
C SER C 64 7.66 5.41 1.54
N VAL C 65 6.76 5.84 2.42
CA VAL C 65 5.84 4.93 3.10
C VAL C 65 4.38 5.20 2.76
N LYS C 66 4.09 6.24 1.98
CA LYS C 66 2.71 6.53 1.61
C LYS C 66 2.12 5.38 0.81
N GLY C 67 0.93 4.94 1.20
CA GLY C 67 0.28 3.80 0.60
C GLY C 67 0.58 2.47 1.26
N ARG C 68 1.68 2.37 2.01
CA ARG C 68 2.03 1.18 2.76
C ARG C 68 1.76 1.34 4.26
N PHE C 69 2.21 2.44 4.85
CA PHE C 69 2.14 2.65 6.28
C PHE C 69 0.90 3.48 6.63
N THR C 70 0.27 3.14 7.76
CA THR C 70 -0.91 3.85 8.23
C THR C 70 -0.78 4.04 9.73
N ILE C 71 -0.67 5.28 10.17
CA ILE C 71 -0.62 5.61 11.58
C ILE C 71 -2.03 5.86 12.07
N SER C 72 -2.33 5.38 13.27
CA SER C 72 -3.65 5.55 13.87
C SER C 72 -3.51 5.55 15.38
N ARG C 73 -4.55 6.01 16.07
CA ARG C 73 -4.51 6.10 17.52
C ARG C 73 -5.90 5.94 18.08
N ASP C 74 -5.98 5.31 19.26
CA ASP C 74 -7.22 5.15 20.02
C ASP C 74 -7.05 5.93 21.31
N ASN C 75 -7.66 7.12 21.38
CA ASN C 75 -7.47 7.99 22.53
C ASN C 75 -8.08 7.41 23.80
N ALA C 76 -9.14 6.60 23.66
CA ALA C 76 -9.75 6.01 24.83
C ALA C 76 -8.81 5.03 25.53
N LYS C 77 -7.98 4.33 24.76
CA LYS C 77 -7.01 3.38 25.33
C LYS C 77 -5.61 3.97 25.44
N ASN C 78 -5.43 5.24 25.08
CA ASN C 78 -4.15 5.93 25.20
C ASN C 78 -3.02 5.16 24.52
N SER C 79 -3.31 4.63 23.33
CA SER C 79 -2.36 3.83 22.58
C SER C 79 -2.24 4.36 21.16
N LEU C 80 -1.11 4.03 20.53
CA LEU C 80 -0.79 4.46 19.18
C LEU C 80 -0.39 3.23 18.36
N TYR C 81 -0.76 3.24 17.07
CA TYR C 81 -0.54 2.09 16.21
C TYR C 81 0.12 2.52 14.91
N LEU C 82 0.80 1.54 14.29
CA LEU C 82 1.41 1.73 12.97
C LEU C 82 1.25 0.44 12.18
N GLN C 83 0.52 0.49 11.08
CA GLN C 83 0.27 -0.66 10.24
C GLN C 83 1.27 -0.65 9.09
N MET C 84 2.20 -1.61 9.09
CA MET C 84 3.25 -1.69 8.09
C MET C 84 2.93 -2.82 7.12
N ASN C 85 2.54 -2.46 5.90
CA ASN C 85 2.12 -3.41 4.88
C ASN C 85 3.16 -3.50 3.77
N SER C 86 3.33 -4.70 3.23
CA SER C 86 4.25 -4.97 2.13
C SER C 86 5.66 -4.47 2.48
N LEU C 87 6.22 -5.07 3.52
CA LEU C 87 7.50 -4.63 4.05
C LEU C 87 8.64 -4.92 3.08
N ARG C 88 9.57 -3.98 2.99
CA ARG C 88 10.75 -4.10 2.14
C ARG C 88 12.00 -4.23 3.00
N ALA C 89 13.13 -4.45 2.33
CA ALA C 89 14.40 -4.54 3.04
C ALA C 89 14.76 -3.22 3.70
N GLU C 90 14.29 -2.10 3.14
CA GLU C 90 14.58 -0.78 3.70
C GLU C 90 13.84 -0.52 5.01
N ASP C 91 12.89 -1.38 5.39
CA ASP C 91 12.09 -1.15 6.58
C ASP C 91 12.69 -1.77 7.83
N THR C 92 13.74 -2.57 7.70
CA THR C 92 14.44 -3.08 8.87
C THR C 92 15.01 -1.93 9.69
N ALA C 93 14.50 -1.76 10.90
CA ALA C 93 14.89 -0.62 11.73
C ALA C 93 14.31 -0.82 13.13
N VAL C 94 14.83 -0.03 14.07
CA VAL C 94 14.21 0.12 15.39
C VAL C 94 13.18 1.23 15.28
N TYR C 95 11.96 0.97 15.76
CA TYR C 95 10.85 1.89 15.60
C TYR C 95 10.50 2.49 16.96
N TYR C 96 10.78 3.78 17.12
CA TYR C 96 10.40 4.53 18.32
C TYR C 96 9.12 5.31 18.06
N CYS C 97 8.29 5.43 19.09
CA CYS C 97 7.21 6.40 19.10
C CYS C 97 7.63 7.59 19.96
N ALA C 98 7.20 8.78 19.55
CA ALA C 98 7.62 10.01 20.20
C ALA C 98 6.48 10.99 20.28
N ARG C 99 6.23 11.53 21.47
CA ARG C 99 5.34 12.66 21.60
C ARG C 99 5.90 13.85 20.82
N GLN C 100 5.09 14.44 19.96
CA GLN C 100 5.57 15.43 19.01
C GLN C 100 5.01 16.82 19.32
N LEU C 101 5.93 17.77 19.42
CA LEU C 101 5.63 19.19 19.47
C LEU C 101 6.49 19.77 18.35
N TYR C 102 6.77 21.07 18.41
CA TYR C 102 7.80 21.50 17.44
C TYR C 102 9.21 20.87 17.73
N TYR C 103 9.24 19.91 18.66
CA TYR C 103 10.37 19.01 18.88
C TYR C 103 9.79 17.62 19.14
N PHE C 104 10.67 16.61 19.28
CA PHE C 104 10.26 15.28 19.71
C PHE C 104 10.53 15.18 21.21
N ASP C 105 9.45 15.18 21.99
CA ASP C 105 9.57 15.41 23.44
C ASP C 105 10.07 14.18 24.18
N TYR C 106 9.27 13.10 24.17
CA TYR C 106 9.61 11.87 24.87
C TYR C 106 9.70 10.73 23.86
N TRP C 107 10.67 9.85 24.05
CA TRP C 107 10.88 8.72 23.17
C TRP C 107 10.70 7.41 23.94
N GLY C 108 10.01 6.46 23.32
CA GLY C 108 10.01 5.10 23.84
C GLY C 108 11.32 4.40 23.53
N GLN C 109 11.53 3.28 24.20
CA GLN C 109 12.76 2.52 24.00
C GLN C 109 12.74 1.73 22.70
N GLY C 110 11.64 1.76 21.95
CA GLY C 110 11.60 1.21 20.60
C GLY C 110 11.43 -0.28 20.50
N THR C 111 10.82 -0.72 19.40
CA THR C 111 10.72 -2.13 19.06
C THR C 111 11.49 -2.37 17.77
N THR C 112 11.97 -3.60 17.61
CA THR C 112 12.84 -3.96 16.49
C THR C 112 12.07 -4.74 15.44
N VAL C 113 12.13 -4.27 14.19
CA VAL C 113 11.51 -4.92 13.05
C VAL C 113 12.61 -5.32 12.09
N THR C 114 12.69 -6.61 11.78
CA THR C 114 13.73 -7.15 10.91
C THR C 114 13.07 -7.81 9.71
N VAL C 115 13.41 -7.24 8.54
CA VAL C 115 12.90 -7.77 7.28
C VAL C 115 13.98 -8.68 6.71
N SER C 116 13.71 -9.98 6.71
CA SER C 116 14.68 -10.96 6.24
C SER C 116 14.89 -10.82 4.73
N SER C 117 15.77 -11.67 4.21
CA SER C 117 15.83 -11.99 2.78
C SER C 117 15.47 -13.47 2.57
N GLY C 118 14.57 -13.98 3.41
CA GLY C 118 14.17 -15.37 3.37
C GLY C 118 12.90 -15.55 2.55
N GLY C 119 12.83 -16.67 1.86
CA GLY C 119 11.63 -17.05 1.13
C GLY C 119 11.64 -16.43 -0.26
N GLY C 120 11.75 -17.26 -1.29
CA GLY C 120 11.77 -16.73 -2.63
C GLY C 120 10.50 -17.06 -3.37
N GLY C 121 9.62 -16.07 -3.52
CA GLY C 121 8.34 -16.35 -4.11
C GLY C 121 7.29 -16.77 -3.10
N SER C 122 7.16 -18.08 -2.90
CA SER C 122 6.00 -18.83 -2.41
C SER C 122 4.96 -18.92 -3.51
N ASP C 123 5.18 -18.27 -4.65
CA ASP C 123 4.37 -18.37 -5.84
C ASP C 123 5.22 -18.94 -6.96
N ILE C 124 4.57 -19.60 -7.91
CA ILE C 124 5.29 -20.19 -9.04
C ILE C 124 5.89 -19.08 -9.88
N GLN C 125 7.21 -19.08 -10.00
CA GLN C 125 7.94 -18.04 -10.73
C GLN C 125 8.23 -18.53 -12.15
N MET C 126 7.78 -17.78 -13.13
CA MET C 126 7.98 -18.11 -14.54
C MET C 126 9.21 -17.40 -15.08
N THR C 127 9.97 -18.09 -15.92
CA THR C 127 11.24 -17.58 -16.43
C THR C 127 11.31 -17.83 -17.92
N GLN C 128 11.25 -16.76 -18.70
CA GLN C 128 11.45 -16.82 -20.14
C GLN C 128 12.90 -16.51 -20.46
N SER C 129 13.55 -17.39 -21.20
CA SER C 129 15.00 -17.30 -21.44
C SER C 129 15.40 -16.28 -22.50
N PRO C 130 14.87 -16.32 -23.72
CA PRO C 130 15.43 -15.46 -24.78
C PRO C 130 15.40 -13.97 -24.45
N SER C 131 14.27 -13.47 -23.92
CA SER C 131 14.15 -12.18 -23.25
C SER C 131 14.25 -10.96 -24.17
N SER C 132 14.75 -11.16 -25.39
CA SER C 132 14.64 -10.20 -26.48
C SER C 132 15.30 -10.83 -27.71
N LEU C 133 14.86 -10.44 -28.90
CA LEU C 133 15.18 -11.27 -30.06
C LEU C 133 14.92 -10.49 -31.33
N SER C 134 15.80 -10.68 -32.32
CA SER C 134 15.63 -10.07 -33.64
C SER C 134 16.06 -11.07 -34.70
N ALA C 135 15.12 -11.47 -35.54
CA ALA C 135 15.38 -12.43 -36.60
C ALA C 135 14.74 -11.94 -37.90
N SER C 136 15.29 -12.41 -39.01
CA SER C 136 14.76 -12.05 -40.32
C SER C 136 13.52 -12.88 -40.65
N VAL C 137 12.65 -12.31 -41.48
CA VAL C 137 11.41 -12.98 -41.86
C VAL C 137 11.73 -14.30 -42.53
N GLY C 138 11.07 -15.37 -42.07
CA GLY C 138 11.32 -16.71 -42.53
C GLY C 138 12.15 -17.56 -41.57
N ASP C 139 12.80 -16.93 -40.60
CA ASP C 139 13.56 -17.67 -39.61
C ASP C 139 12.63 -18.41 -38.65
N ARG C 140 13.21 -19.40 -37.98
CA ARG C 140 12.50 -20.17 -36.95
C ARG C 140 12.87 -19.62 -35.58
N VAL C 141 11.87 -19.25 -34.79
CA VAL C 141 12.06 -18.58 -33.51
C VAL C 141 11.60 -19.51 -32.40
N THR C 142 12.39 -19.57 -31.32
CA THR C 142 12.12 -20.45 -30.19
C THR C 142 12.17 -19.63 -28.91
N ILE C 143 11.05 -19.60 -28.19
CA ILE C 143 10.94 -18.93 -26.90
C ILE C 143 10.65 -20.00 -25.86
N THR C 144 11.50 -20.09 -24.84
CA THR C 144 11.33 -21.05 -23.76
C THR C 144 10.83 -20.36 -22.50
N CYS C 145 10.05 -21.08 -21.71
CA CYS C 145 9.50 -20.59 -20.45
C CYS C 145 9.68 -21.68 -19.40
N LEU C 146 10.21 -21.31 -18.25
CA LEU C 146 10.54 -22.25 -17.18
C LEU C 146 9.70 -21.95 -15.95
N ALA C 147 9.03 -22.97 -15.43
CA ALA C 147 8.22 -22.85 -14.22
C ALA C 147 9.00 -23.37 -13.03
N SER C 148 8.83 -22.71 -11.87
CA SER C 148 9.52 -23.14 -10.67
C SER C 148 8.98 -24.46 -10.16
N GLN C 149 7.66 -24.56 -10.00
CA GLN C 149 7.00 -25.79 -9.62
C GLN C 149 6.46 -26.50 -10.86
N THR C 150 5.86 -27.67 -10.64
CA THR C 150 5.19 -28.38 -11.71
C THR C 150 3.78 -27.82 -11.89
N ILE C 151 3.41 -27.53 -13.14
CA ILE C 151 2.11 -26.95 -13.43
C ILE C 151 1.39 -27.84 -14.44
N GLY C 152 1.96 -29.01 -14.74
CA GLY C 152 1.36 -29.89 -15.72
C GLY C 152 1.37 -29.24 -17.08
N THR C 153 0.20 -29.14 -17.70
CA THR C 153 0.04 -28.41 -18.95
C THR C 153 -0.71 -27.10 -18.77
N TRP C 154 -0.96 -26.68 -17.53
CA TRP C 154 -1.67 -25.44 -17.27
C TRP C 154 -0.78 -24.24 -17.57
N LEU C 155 -0.45 -24.04 -18.85
CA LEU C 155 0.47 -23.00 -19.29
C LEU C 155 -0.14 -22.27 -20.47
N THR C 156 -0.09 -20.94 -20.43
CA THR C 156 -0.70 -20.09 -21.44
C THR C 156 0.35 -19.21 -22.10
N TRP C 157 0.19 -18.98 -23.41
CA TRP C 157 1.06 -18.10 -24.17
C TRP C 157 0.24 -16.92 -24.70
N TYR C 158 0.70 -15.71 -24.43
CA TYR C 158 0.03 -14.49 -24.87
C TYR C 158 0.95 -13.70 -25.78
N GLN C 159 0.36 -13.06 -26.80
CA GLN C 159 1.08 -12.15 -27.67
C GLN C 159 0.50 -10.74 -27.50
N GLN C 160 1.39 -9.76 -27.29
CA GLN C 160 1.00 -8.36 -27.14
C GLN C 160 1.63 -7.56 -28.27
N LYS C 161 0.84 -7.24 -29.29
CA LYS C 161 1.32 -6.38 -30.34
C LYS C 161 1.54 -4.96 -29.82
N PRO C 162 2.42 -4.19 -30.45
CA PRO C 162 2.74 -2.85 -29.93
C PRO C 162 1.50 -1.96 -29.85
N GLY C 163 1.37 -1.28 -28.71
CA GLY C 163 0.29 -0.36 -28.49
C GLY C 163 -1.07 -0.97 -28.23
N LYS C 164 -1.18 -2.30 -28.28
CA LYS C 164 -2.45 -2.99 -28.09
C LYS C 164 -2.35 -3.97 -26.93
N ALA C 165 -3.49 -4.53 -26.55
CA ALA C 165 -3.60 -5.41 -25.41
C ALA C 165 -3.03 -6.79 -25.74
N PRO C 166 -2.73 -7.60 -24.72
CA PRO C 166 -2.29 -8.97 -24.98
C PRO C 166 -3.40 -9.79 -25.62
N LYS C 167 -2.99 -10.75 -26.45
CA LYS C 167 -3.91 -11.59 -27.21
C LYS C 167 -3.59 -13.05 -26.92
N LEU C 168 -4.64 -13.86 -26.75
CA LEU C 168 -4.45 -15.28 -26.44
C LEU C 168 -3.91 -16.02 -27.67
N LEU C 169 -2.77 -16.67 -27.51
CA LEU C 169 -2.15 -17.46 -28.58
C LEU C 169 -2.39 -18.96 -28.39
N ILE C 170 -1.99 -19.50 -27.24
CA ILE C 170 -1.97 -20.94 -27.01
C ILE C 170 -2.37 -21.18 -25.56
N TYR C 171 -3.28 -22.14 -25.34
CA TYR C 171 -3.74 -22.48 -24.00
C TYR C 171 -3.50 -23.96 -23.74
N THR C 172 -3.38 -24.29 -22.45
CA THR C 172 -2.96 -25.63 -21.99
C THR C 172 -1.70 -26.09 -22.71
N ALA C 173 -0.86 -25.13 -23.10
CA ALA C 173 0.52 -25.33 -23.53
C ALA C 173 0.67 -25.98 -24.90
N THR C 174 -0.41 -26.49 -25.49
CA THR C 174 -0.29 -27.03 -26.85
C THR C 174 -1.43 -26.58 -27.76
N SER C 175 -2.62 -26.39 -27.21
CA SER C 175 -3.79 -26.11 -28.03
C SER C 175 -3.78 -24.66 -28.49
N LEU C 176 -4.19 -24.46 -29.74
CA LEU C 176 -4.09 -23.18 -30.43
C LEU C 176 -5.42 -22.43 -30.33
N ALA C 177 -5.33 -21.13 -30.06
CA ALA C 177 -6.51 -20.29 -29.99
C ALA C 177 -7.04 -19.98 -31.39
N ASP C 178 -8.36 -19.79 -31.49
CA ASP C 178 -8.98 -19.55 -32.78
C ASP C 178 -8.46 -18.26 -33.40
N GLY C 179 -8.27 -18.30 -34.72
CA GLY C 179 -7.75 -17.16 -35.46
C GLY C 179 -6.25 -17.00 -35.41
N VAL C 180 -5.53 -17.92 -34.78
CA VAL C 180 -4.07 -17.86 -34.69
C VAL C 180 -3.49 -18.71 -35.81
N PRO C 181 -2.46 -18.22 -36.53
CA PRO C 181 -1.89 -19.02 -37.62
C PRO C 181 -1.25 -20.30 -37.12
N SER C 182 -1.00 -21.20 -38.06
CA SER C 182 -0.43 -22.51 -37.75
C SER C 182 1.07 -22.47 -37.50
N ARG C 183 1.74 -21.38 -37.88
CA ARG C 183 3.18 -21.27 -37.63
C ARG C 183 3.52 -21.15 -36.15
N PHE C 184 2.53 -20.91 -35.30
CA PHE C 184 2.74 -20.87 -33.85
C PHE C 184 2.59 -22.26 -33.28
N SER C 185 3.61 -22.71 -32.54
CA SER C 185 3.62 -24.04 -31.96
C SER C 185 3.85 -23.95 -30.45
N GLY C 186 3.19 -24.82 -29.72
CA GLY C 186 3.38 -24.91 -28.28
C GLY C 186 3.62 -26.34 -27.86
N SER C 187 4.49 -26.51 -26.88
CA SER C 187 4.85 -27.85 -26.40
C SER C 187 5.34 -27.74 -24.97
N GLY C 188 5.41 -28.90 -24.31
CA GLY C 188 5.95 -29.00 -22.97
C GLY C 188 4.88 -29.42 -21.96
N SER C 189 5.38 -29.80 -20.78
CA SER C 189 4.52 -30.17 -19.66
C SER C 189 5.37 -30.22 -18.40
N GLY C 190 4.77 -29.82 -17.28
CA GLY C 190 5.44 -29.81 -16.00
C GLY C 190 6.23 -28.56 -15.68
N THR C 191 7.43 -28.43 -16.24
CA THR C 191 8.28 -27.28 -15.92
C THR C 191 8.86 -26.60 -17.15
N ASP C 192 9.04 -27.36 -18.23
CA ASP C 192 9.70 -26.87 -19.43
C ASP C 192 8.66 -26.70 -20.54
N PHE C 193 8.54 -25.48 -21.06
CA PHE C 193 7.60 -25.16 -22.12
C PHE C 193 8.31 -24.36 -23.20
N THR C 194 7.79 -24.44 -24.42
CA THR C 194 8.43 -23.82 -25.56
C THR C 194 7.38 -23.33 -26.55
N LEU C 195 7.53 -22.08 -26.99
CA LEU C 195 6.73 -21.51 -28.06
C LEU C 195 7.61 -21.37 -29.29
N THR C 196 7.15 -21.92 -30.42
CA THR C 196 7.94 -21.98 -31.64
C THR C 196 7.21 -21.27 -32.76
N ILE C 197 7.87 -20.30 -33.39
CA ILE C 197 7.38 -19.65 -34.60
C ILE C 197 8.12 -20.25 -35.77
N SER C 198 7.43 -21.08 -36.55
CA SER C 198 8.09 -21.89 -37.57
C SER C 198 8.66 -21.04 -38.70
N SER C 199 8.07 -19.87 -38.97
CA SER C 199 8.58 -18.97 -39.99
C SER C 199 8.15 -17.55 -39.63
N LEU C 200 9.09 -16.74 -39.16
CA LEU C 200 8.78 -15.38 -38.74
C LEU C 200 8.12 -14.59 -39.86
N GLN C 201 7.15 -13.77 -39.48
CA GLN C 201 6.45 -12.86 -40.39
C GLN C 201 6.37 -11.49 -39.75
N PRO C 202 6.34 -10.42 -40.56
CA PRO C 202 6.30 -9.07 -39.98
C PRO C 202 5.17 -8.85 -38.98
N GLU C 203 4.02 -9.50 -39.19
CA GLU C 203 2.90 -9.39 -38.26
C GLU C 203 3.14 -10.09 -36.94
N ASP C 204 4.26 -10.80 -36.79
CA ASP C 204 4.60 -11.47 -35.53
C ASP C 204 5.46 -10.59 -34.63
N PHE C 205 5.75 -9.37 -35.08
CA PHE C 205 6.47 -8.41 -34.28
C PHE C 205 5.66 -8.03 -33.04
N ALA C 206 6.10 -8.50 -31.87
CA ALA C 206 5.35 -8.28 -30.64
C ALA C 206 6.21 -8.75 -29.46
N THR C 207 5.61 -8.71 -28.27
CA THR C 207 6.20 -9.25 -27.06
C THR C 207 5.36 -10.42 -26.58
N TYR C 208 6.01 -11.53 -26.25
CA TYR C 208 5.33 -12.78 -25.92
C TYR C 208 5.53 -13.11 -24.46
N TYR C 209 4.44 -13.45 -23.77
CA TYR C 209 4.45 -13.80 -22.36
C TYR C 209 3.93 -15.21 -22.18
N CYS C 210 4.52 -15.94 -21.24
CA CYS C 210 3.94 -17.18 -20.75
C CYS C 210 3.23 -16.90 -19.42
N GLN C 211 2.35 -17.82 -19.03
CA GLN C 211 1.58 -17.64 -17.81
C GLN C 211 1.04 -18.97 -17.36
N GLN C 212 1.29 -19.32 -16.09
CA GLN C 212 0.70 -20.50 -15.48
C GLN C 212 -0.65 -20.13 -14.87
N VAL C 213 -1.66 -20.95 -15.14
CA VAL C 213 -2.95 -20.81 -14.50
C VAL C 213 -3.22 -21.97 -13.54
N TYR C 214 -2.15 -22.62 -13.07
CA TYR C 214 -2.31 -23.74 -12.16
C TYR C 214 -2.85 -23.28 -10.81
N SER C 215 -2.13 -22.38 -10.14
CA SER C 215 -2.53 -21.93 -8.81
C SER C 215 -2.43 -20.41 -8.71
N ILE C 216 -3.12 -19.87 -7.71
CA ILE C 216 -3.05 -18.46 -7.39
C ILE C 216 -1.80 -18.20 -6.56
N PRO C 217 -1.08 -17.09 -6.76
CA PRO C 217 -1.40 -16.08 -7.77
C PRO C 217 -0.96 -16.50 -9.17
N TRP C 218 -1.79 -16.23 -10.17
CA TRP C 218 -1.47 -16.58 -11.54
C TRP C 218 -0.37 -15.66 -12.05
N THR C 219 0.81 -16.21 -12.30
CA THR C 219 2.02 -15.45 -12.58
C THR C 219 2.36 -15.50 -14.06
N PHE C 220 2.97 -14.43 -14.54
CA PHE C 220 3.40 -14.29 -15.93
C PHE C 220 4.92 -14.40 -16.01
N GLY C 221 5.40 -14.64 -17.24
CA GLY C 221 6.82 -14.56 -17.51
C GLY C 221 7.27 -13.12 -17.65
N GLY C 222 8.58 -12.95 -17.84
CA GLY C 222 9.13 -11.62 -18.01
C GLY C 222 8.88 -11.01 -19.38
N GLY C 223 8.41 -11.82 -20.33
CA GLY C 223 8.18 -11.33 -21.68
C GLY C 223 9.39 -11.49 -22.58
N THR C 224 9.17 -11.90 -23.82
CA THR C 224 10.23 -12.01 -24.81
C THR C 224 9.85 -11.16 -26.01
N LYS C 225 10.62 -10.11 -26.26
CA LYS C 225 10.34 -9.20 -27.36
C LYS C 225 10.98 -9.71 -28.64
N VAL C 226 10.25 -9.63 -29.75
CA VAL C 226 10.68 -10.17 -31.03
C VAL C 226 10.71 -9.01 -32.03
N GLU C 227 11.91 -8.52 -32.33
CA GLU C 227 12.10 -7.58 -33.43
C GLU C 227 12.30 -8.36 -34.73
N ILE C 228 12.24 -7.64 -35.85
CA ILE C 228 12.39 -8.24 -37.16
C ILE C 228 13.37 -7.40 -37.97
N LYS C 229 14.53 -7.97 -38.26
CA LYS C 229 15.58 -7.33 -39.04
C LYS C 229 15.34 -7.57 -40.53
N ARG C 230 15.51 -6.51 -41.33
CA ARG C 230 15.57 -6.59 -42.80
C ARG C 230 15.80 -5.24 -43.46
N ARG D 1 -2.16 27.44 2.30
CA ARG D 1 -3.34 27.83 3.06
C ARG D 1 -3.00 28.87 4.13
N PRO D 2 -3.37 30.13 3.87
CA PRO D 2 -3.13 31.18 4.87
C PRO D 2 -4.15 31.09 5.99
N TRP D 3 -3.67 30.87 7.22
CA TRP D 3 -4.52 30.82 8.40
C TRP D 3 -4.33 32.09 9.22
N ASN D 4 -5.42 32.59 9.78
CA ASN D 4 -5.43 33.87 10.46
C ASN D 4 -4.95 33.73 11.90
N PRO D 5 -4.28 34.75 12.43
CA PRO D 5 -3.75 34.66 13.81
C PRO D 5 -4.88 34.65 14.82
N PRO D 6 -4.60 34.19 16.05
CA PRO D 6 -5.64 34.21 17.08
C PRO D 6 -5.97 35.64 17.51
N THR D 7 -7.13 35.77 18.15
CA THR D 7 -7.57 37.04 18.70
C THR D 7 -7.51 36.97 20.23
N PHE D 8 -7.14 38.07 20.86
CA PHE D 8 -6.94 38.13 22.30
C PHE D 8 -7.89 39.19 22.88
N SER D 9 -8.97 38.73 23.50
CA SER D 9 -9.96 39.57 24.14
C SER D 9 -9.96 39.34 25.66
N PRO D 10 -10.27 40.38 26.45
CA PRO D 10 -10.57 41.74 26.00
C PRO D 10 -9.31 42.58 25.83
N ALA D 11 -9.41 43.69 25.10
CA ALA D 11 -8.26 44.54 24.86
C ALA D 11 -7.77 45.23 26.13
N LEU D 12 -8.59 45.29 27.17
CA LEU D 12 -8.19 45.90 28.43
C LEU D 12 -9.00 45.28 29.57
N LEU D 13 -8.30 44.88 30.64
CA LEU D 13 -8.89 44.25 31.81
C LEU D 13 -8.58 45.07 33.05
N VAL D 14 -9.62 45.39 33.83
CA VAL D 14 -9.46 46.15 35.07
C VAL D 14 -10.00 45.30 36.20
N VAL D 15 -9.14 44.50 36.83
CA VAL D 15 -9.51 43.59 37.89
C VAL D 15 -8.81 44.03 39.18
N THR D 16 -9.54 43.95 40.29
CA THR D 16 -8.98 44.29 41.59
C THR D 16 -8.07 43.17 42.09
N GLU D 17 -6.97 43.55 42.75
CA GLU D 17 -5.98 42.58 43.19
C GLU D 17 -6.60 41.54 44.12
N GLY D 18 -6.06 40.32 44.06
CA GLY D 18 -6.61 39.20 44.79
C GLY D 18 -7.67 38.41 44.03
N ASP D 19 -8.21 38.98 42.95
CA ASP D 19 -9.22 38.31 42.16
C ASP D 19 -8.57 37.61 40.97
N ASN D 20 -9.39 36.88 40.21
CA ASN D 20 -8.93 36.15 39.03
C ASN D 20 -9.15 36.99 37.78
N ALA D 21 -8.09 37.18 37.01
CA ALA D 21 -8.14 37.92 35.75
C ALA D 21 -8.04 36.94 34.60
N THR D 22 -9.13 36.72 33.89
CA THR D 22 -9.20 35.73 32.82
C THR D 22 -9.26 36.41 31.47
N PHE D 23 -8.36 36.01 30.58
CA PHE D 23 -8.38 36.41 29.17
C PHE D 23 -8.97 35.28 28.33
N THR D 24 -9.26 35.60 27.07
CA THR D 24 -9.81 34.63 26.13
C THR D 24 -9.06 34.72 24.81
N CYS D 25 -8.29 33.69 24.49
CA CYS D 25 -7.67 33.56 23.18
C CYS D 25 -8.57 32.70 22.31
N SER D 26 -8.98 33.25 21.17
CA SER D 26 -9.84 32.56 20.21
C SER D 26 -9.02 32.24 18.96
N PHE D 27 -9.08 30.97 18.53
CA PHE D 27 -8.29 30.51 17.39
C PHE D 27 -9.17 29.61 16.53
N SER D 28 -9.49 30.07 15.33
CA SER D 28 -10.20 29.25 14.35
C SER D 28 -9.15 28.46 13.56
N ASN D 29 -8.67 27.39 14.19
CA ASN D 29 -7.60 26.60 13.61
C ASN D 29 -8.05 25.89 12.34
N THR D 30 -7.14 25.83 11.36
CA THR D 30 -7.40 25.04 10.16
C THR D 30 -7.08 23.57 10.37
N SER D 31 -6.09 23.28 11.22
CA SER D 31 -5.69 21.92 11.53
C SER D 31 -5.69 21.71 13.03
N GLU D 32 -5.56 20.44 13.43
CA GLU D 32 -5.35 20.10 14.83
C GLU D 32 -3.88 20.16 15.23
N SER D 33 -2.98 20.45 14.29
CA SER D 33 -1.54 20.38 14.54
C SER D 33 -1.03 21.76 14.96
N PHE D 34 -1.42 22.17 16.16
CA PHE D 34 -1.00 23.46 16.68
C PHE D 34 -0.90 23.40 18.19
N VAL D 35 -0.11 24.32 18.74
CA VAL D 35 -0.03 24.56 20.17
C VAL D 35 -0.18 26.06 20.40
N LEU D 36 -0.54 26.44 21.62
CA LEU D 36 -0.78 27.82 21.98
C LEU D 36 0.19 28.25 23.07
N ASN D 37 0.61 29.51 23.00
CA ASN D 37 1.46 30.12 24.01
C ASN D 37 0.79 31.39 24.52
N TRP D 38 1.11 31.74 25.76
CA TRP D 38 0.64 32.96 26.39
C TRP D 38 1.85 33.81 26.78
N TYR D 39 1.97 34.98 26.20
CA TYR D 39 3.13 35.85 26.40
C TYR D 39 2.77 37.06 27.23
N ARG D 40 3.79 37.65 27.85
CA ARG D 40 3.66 38.91 28.56
C ARG D 40 4.85 39.78 28.22
N MET D 41 4.59 41.02 27.82
CA MET D 41 5.65 41.95 27.44
C MET D 41 6.46 42.33 28.67
N SER D 42 7.72 41.92 28.69
CA SER D 42 8.65 42.38 29.72
C SER D 42 9.11 43.80 29.39
N PRO D 43 9.55 44.56 30.39
CA PRO D 43 9.96 45.96 30.15
C PRO D 43 10.93 46.14 29.00
N SER D 44 11.75 45.13 28.69
CA SER D 44 12.70 45.21 27.59
C SER D 44 12.08 44.81 26.26
N ASN D 45 10.75 44.78 26.16
CA ASN D 45 9.97 44.37 24.99
C ASN D 45 10.12 42.89 24.68
N GLN D 46 10.94 42.15 25.43
CA GLN D 46 11.09 40.72 25.18
C GLN D 46 9.82 40.00 25.59
N THR D 47 9.16 39.35 24.62
CA THR D 47 7.92 38.64 24.91
C THR D 47 8.21 37.45 25.81
N ASP D 48 7.86 37.57 27.08
CA ASP D 48 8.11 36.52 28.06
C ASP D 48 6.98 35.50 28.02
N LYS D 49 7.34 34.23 27.85
CA LYS D 49 6.35 33.16 27.75
C LYS D 49 5.87 32.79 29.15
N LEU D 50 4.57 32.96 29.40
CA LEU D 50 3.97 32.64 30.68
C LEU D 50 3.58 31.17 30.79
N ALA D 51 2.77 30.69 29.84
CA ALA D 51 2.30 29.31 29.86
C ALA D 51 2.00 28.89 28.44
N ALA D 52 1.75 27.58 28.28
CA ALA D 52 1.45 27.01 26.98
C ALA D 52 0.30 26.02 27.11
N PHE D 53 -0.31 25.70 25.97
CA PHE D 53 -1.32 24.66 25.89
C PHE D 53 -1.01 23.79 24.69
N PRO D 54 -0.81 22.47 24.87
CA PRO D 54 -0.89 21.75 26.14
C PRO D 54 0.30 22.01 27.06
N GLU D 55 0.20 21.56 28.30
CA GLU D 55 1.26 21.74 29.28
C GLU D 55 1.24 20.62 30.32
N ASP D 63 5.24 28.57 35.89
CA ASP D 63 4.64 29.10 37.12
C ASP D 63 3.26 28.51 37.34
N CYS D 64 2.80 28.52 38.59
CA CYS D 64 1.50 27.98 38.95
C CYS D 64 0.37 28.99 38.79
N ARG D 65 0.68 30.29 38.79
CA ARG D 65 -0.37 31.31 38.75
C ARG D 65 -0.97 31.49 37.37
N PHE D 66 -0.29 31.05 36.31
CA PHE D 66 -0.69 31.30 34.94
C PHE D 66 -1.18 30.00 34.32
N ARG D 67 -2.50 29.86 34.22
CA ARG D 67 -3.12 28.62 33.76
C ARG D 67 -3.92 28.86 32.49
N VAL D 68 -3.89 27.88 31.60
CA VAL D 68 -4.63 27.92 30.33
C VAL D 68 -5.56 26.72 30.30
N THR D 69 -6.84 26.98 30.03
CA THR D 69 -7.86 25.94 29.91
C THR D 69 -8.53 26.04 28.55
N GLN D 70 -8.88 24.89 27.98
CA GLN D 70 -9.46 24.81 26.65
C GLN D 70 -10.97 24.62 26.77
N LEU D 71 -11.73 25.55 26.20
CA LEU D 71 -13.18 25.45 26.21
C LEU D 71 -13.65 24.41 25.19
N PRO D 72 -14.71 23.67 25.51
CA PRO D 72 -15.11 22.53 24.66
C PRO D 72 -15.66 22.92 23.29
N ASN D 73 -15.72 24.21 22.95
CA ASN D 73 -16.24 24.62 21.66
C ASN D 73 -15.20 24.50 20.54
N GLY D 74 -13.98 24.07 20.84
CA GLY D 74 -12.96 23.91 19.83
C GLY D 74 -12.46 25.20 19.21
N ARG D 75 -12.77 26.34 19.80
CA ARG D 75 -12.30 27.62 19.27
C ARG D 75 -11.63 28.50 20.32
N ASP D 76 -12.14 28.49 21.55
CA ASP D 76 -11.76 29.46 22.57
C ASP D 76 -10.93 28.81 23.67
N PHE D 77 -10.05 29.61 24.27
CA PHE D 77 -9.22 29.19 25.38
C PHE D 77 -9.26 30.27 26.45
N HIS D 78 -9.33 29.84 27.71
CA HIS D 78 -9.28 30.75 28.85
C HIS D 78 -7.87 30.80 29.41
N MET D 79 -7.31 31.99 29.49
CA MET D 79 -5.98 32.20 30.05
C MET D 79 -6.12 33.19 31.21
N SER D 80 -5.92 32.70 32.44
CA SER D 80 -6.24 33.46 33.63
C SER D 80 -5.03 33.60 34.55
N VAL D 81 -5.02 34.67 35.33
CA VAL D 81 -4.03 34.93 36.36
C VAL D 81 -4.70 34.72 37.70
N VAL D 82 -4.36 33.63 38.38
CA VAL D 82 -4.95 33.30 39.67
C VAL D 82 -4.35 34.21 40.73
N ARG D 83 -5.22 34.85 41.52
CA ARG D 83 -4.82 35.78 42.58
C ARG D 83 -3.85 36.82 42.04
N ALA D 84 -4.36 37.62 41.11
CA ALA D 84 -3.54 38.58 40.38
C ALA D 84 -2.94 39.62 41.33
N ARG D 85 -1.61 39.69 41.34
CA ARG D 85 -0.91 40.71 42.11
C ARG D 85 -1.01 42.06 41.40
N ARG D 86 -0.62 43.11 42.11
CA ARG D 86 -0.74 44.45 41.54
C ARG D 86 0.27 44.70 40.45
N ASN D 87 1.49 44.17 40.60
CA ASN D 87 2.51 44.35 39.58
C ASN D 87 2.37 43.39 38.41
N ASP D 88 1.30 42.58 38.39
CA ASP D 88 0.96 41.81 37.20
C ASP D 88 0.43 42.69 36.07
N SER D 89 0.23 43.97 36.32
CA SER D 89 -0.23 44.88 35.28
C SER D 89 0.82 44.98 34.18
N GLY D 90 0.35 44.94 32.93
CA GLY D 90 1.25 45.00 31.80
C GLY D 90 0.53 44.69 30.52
N THR D 91 1.30 44.27 29.52
CA THR D 91 0.77 43.95 28.20
C THR D 91 0.89 42.44 27.97
N TYR D 92 -0.22 41.83 27.54
CA TYR D 92 -0.30 40.39 27.35
C TYR D 92 -0.80 40.10 25.95
N LEU D 93 -0.59 38.85 25.51
CA LEU D 93 -1.03 38.41 24.18
C LEU D 93 -0.91 36.89 24.14
N CYS D 94 -1.73 36.27 23.28
CA CYS D 94 -1.59 34.85 23.03
C CYS D 94 -0.93 34.61 21.68
N GLY D 95 -0.46 33.38 21.49
CA GLY D 95 0.27 33.03 20.29
C GLY D 95 0.02 31.61 19.84
N ALA D 96 -0.13 31.43 18.53
CA ALA D 96 -0.42 30.12 17.95
C ALA D 96 0.81 29.64 17.20
N ILE D 97 1.39 28.54 17.66
CA ILE D 97 2.46 27.85 16.96
C ILE D 97 1.85 26.73 16.13
N SER D 98 2.23 26.65 14.87
CA SER D 98 1.67 25.67 13.94
C SER D 98 2.68 24.54 13.75
N LEU D 99 2.39 23.38 14.32
CA LEU D 99 3.15 22.17 14.01
C LEU D 99 2.73 21.56 12.68
N ALA D 100 1.87 22.25 11.93
CA ALA D 100 1.27 21.85 10.67
C ALA D 100 2.36 21.67 9.61
N PRO D 101 2.02 21.23 8.37
CA PRO D 101 3.06 21.02 7.33
C PRO D 101 4.19 22.04 7.33
N LYS D 102 3.89 23.30 7.62
CA LYS D 102 4.90 24.33 7.81
C LYS D 102 4.83 24.86 9.24
N ALA D 103 5.99 25.00 9.88
CA ALA D 103 6.07 25.50 11.24
C ALA D 103 6.09 27.03 11.20
N GLN D 104 5.07 27.65 11.80
CA GLN D 104 4.98 29.11 11.80
C GLN D 104 4.31 29.57 13.09
N ILE D 105 4.83 30.65 13.67
CA ILE D 105 4.26 31.29 14.83
C ILE D 105 3.51 32.53 14.38
N LYS D 106 2.31 32.74 14.92
CA LYS D 106 1.51 33.92 14.62
C LYS D 106 0.97 34.49 15.92
N GLU D 107 1.51 35.63 16.34
CA GLU D 107 1.06 36.27 17.57
C GLU D 107 -0.24 37.04 17.34
N SER D 108 -0.90 37.37 18.45
CA SER D 108 -2.16 38.09 18.41
C SER D 108 -1.93 39.56 18.71
N LEU D 109 -3.01 40.35 18.64
CA LEU D 109 -2.95 41.74 19.05
C LEU D 109 -2.79 41.82 20.56
N ARG D 110 -1.84 42.63 21.01
CA ARG D 110 -1.56 42.76 22.43
C ARG D 110 -2.71 43.45 23.15
N ALA D 111 -2.87 43.12 24.43
CA ALA D 111 -3.90 43.70 25.28
C ALA D 111 -3.29 44.15 26.59
N GLU D 112 -3.97 45.07 27.25
CA GLU D 112 -3.52 45.62 28.52
C GLU D 112 -4.29 45.01 29.68
N LEU D 113 -3.62 44.86 30.81
CA LEU D 113 -4.24 44.41 32.05
C LEU D 113 -3.84 45.36 33.17
N ARG D 114 -4.82 45.92 33.87
CA ARG D 114 -4.59 46.77 35.02
C ARG D 114 -5.11 46.08 36.27
N VAL D 115 -4.31 46.14 37.34
CA VAL D 115 -4.68 45.55 38.63
C VAL D 115 -4.73 46.67 39.64
N THR D 116 -5.93 47.04 40.05
CA THR D 116 -6.13 48.13 41.00
C THR D 116 -6.01 47.62 42.44
N GLU D 117 -5.91 48.56 43.36
CA GLU D 117 -5.81 48.24 44.79
C GLU D 117 -7.20 48.13 45.41
N ARG D 118 -7.27 47.37 46.49
CA ARG D 118 -8.54 47.17 47.20
C ARG D 118 -8.83 48.36 48.11
#